data_3KRP
#
_entry.id   3KRP
#
_cell.length_a   53.260
_cell.length_b   109.022
_cell.length_c   182.156
_cell.angle_alpha   90.00
_cell.angle_beta   90.00
_cell.angle_gamma   90.00
#
_symmetry.space_group_name_H-M   'P 21 21 21'
#
loop_
_entity.id
_entity.type
_entity.pdbx_description
1 polymer 'Geranyl diphosphate synthase large subunit'
2 polymer 'Geranyl diphosphate synthase small subunit'
3 non-polymer PYROPHOSPHATE
4 non-polymer 'MAGNESIUM ION'
5 non-polymer 1,2-ETHANEDIOL
6 non-polymer 'GERANYL DIPHOSPHATE'
7 water water
#
loop_
_entity_poly.entity_id
_entity_poly.type
_entity_poly.pdbx_seq_one_letter_code
_entity_poly.pdbx_strand_id
1 'polypeptide(L)'
;MFDFDGYMLRKAKSVNKALEAAVQMKEPLKIHESMRYSLLAGGKRVRPMLCIAACELVGGDESTAMPAACAVEMIHTMSL
MHDDLPCMDNDDLRRGKPTNHMAFGESVAVLAGDALLSFAFEHVAAATKGAPPERIVRVLGELAVSIGSEGLVAGQVVDV
CSEGMAEVGLDHLEFIHHHKTAALLQGSVVLGAILGGGKEEEVAKLRKFANCIGLLFQVVDDILDVTKSSKELGKTAGKD
LVADKTTYPKLIGVEKSKEFADRLNREAQEQLLHFHPHRAAPLIALANYIAYRDN
;
A,D
2 'polypeptide(L)'
;MQPYWAAIEADIERYLKKSITIRPPETVFGPMHHLTFAAPATAASTLCLAACELVGGDRSQAMAAAAAIHLVHAAAYVHE
HLPLTDGSRPVSKPAIQHKYGPNVELLTGDGIVPFGFELLAGSVDPARTDDPDRILRVIIEISRAGGPEGMISGLHREEE
IVDGNTSLDFIEYVCKKKYGEMHACGAACGAILGGAAEEEIQKLRNFGLYQGTLRGMMEMKNSHQLIDENIIGKLKELAL
EELGGFHGKNAELMSSLVAEPSLYAAHHHHHHHH
;
B,C
#
# COMPACT_ATOMS: atom_id res chain seq x y z
N MET A 1 19.46 39.69 -17.59
CA MET A 1 18.60 38.99 -18.58
C MET A 1 17.24 39.69 -18.60
N PHE A 2 16.39 39.31 -19.55
CA PHE A 2 15.06 39.87 -19.64
C PHE A 2 14.10 38.92 -18.91
N ASP A 3 13.28 39.45 -18.03
CA ASP A 3 12.30 38.63 -17.35
C ASP A 3 12.92 37.53 -16.48
N PHE A 4 13.57 37.96 -15.42
CA PHE A 4 14.20 37.03 -14.49
C PHE A 4 13.10 36.35 -13.68
N ASP A 5 12.03 37.09 -13.37
CA ASP A 5 10.93 36.51 -12.61
C ASP A 5 10.23 35.42 -13.43
N GLY A 6 9.98 35.69 -14.70
CA GLY A 6 9.32 34.70 -15.55
C GLY A 6 10.09 33.41 -15.55
N TYR A 7 11.41 33.54 -15.60
CA TYR A 7 12.32 32.41 -15.60
C TYR A 7 12.08 31.56 -14.34
N MET A 8 12.31 32.18 -13.19
CA MET A 8 12.11 31.55 -11.89
C MET A 8 10.71 30.99 -11.74
N LEU A 9 9.72 31.67 -12.29
CA LEU A 9 8.36 31.17 -12.19
C LEU A 9 8.21 29.90 -13.02
N ARG A 10 8.84 29.87 -14.19
CA ARG A 10 8.79 28.69 -15.04
C ARG A 10 9.43 27.52 -14.30
N LYS A 11 10.66 27.73 -13.84
CA LYS A 11 11.37 26.69 -13.12
C LYS A 11 10.53 26.19 -11.96
N ALA A 12 9.94 27.10 -11.19
CA ALA A 12 9.11 26.70 -10.05
C ALA A 12 7.95 25.80 -10.47
N LYS A 13 7.27 26.15 -11.55
CA LYS A 13 6.16 25.32 -11.99
C LYS A 13 6.66 23.94 -12.34
N SER A 14 7.52 23.84 -13.35
CA SER A 14 8.04 22.55 -13.77
C SER A 14 8.46 21.69 -12.58
N VAL A 15 9.02 22.33 -11.56
CA VAL A 15 9.44 21.64 -10.35
C VAL A 15 8.27 21.23 -9.46
N ASN A 16 7.34 22.15 -9.24
CA ASN A 16 6.19 21.81 -8.40
C ASN A 16 5.41 20.63 -8.99
N LYS A 17 5.35 20.59 -10.31
CA LYS A 17 4.65 19.54 -11.03
C LYS A 17 5.32 18.20 -10.69
N ALA A 18 6.66 18.20 -10.80
CA ALA A 18 7.46 17.03 -10.53
C ALA A 18 7.38 16.59 -9.09
N LEU A 19 7.32 17.56 -8.19
CA LEU A 19 7.21 17.25 -6.76
C LEU A 19 5.89 16.53 -6.48
N GLU A 20 4.81 16.99 -7.09
CA GLU A 20 3.49 16.38 -6.91
C GLU A 20 3.56 14.91 -7.34
N ALA A 21 4.12 14.70 -8.52
CA ALA A 21 4.27 13.35 -9.03
C ALA A 21 5.09 12.56 -7.99
N ALA A 22 6.35 12.93 -7.81
CA ALA A 22 7.24 12.23 -6.88
C ALA A 22 6.64 11.73 -5.57
N VAL A 23 5.99 12.62 -4.82
CA VAL A 23 5.39 12.25 -3.54
C VAL A 23 3.86 12.22 -3.60
N GLN A 24 3.30 11.06 -3.91
CA GLN A 24 1.86 10.85 -4.02
C GLN A 24 1.23 10.35 -2.71
N MET A 25 -0.04 10.66 -2.48
CA MET A 25 -0.69 10.19 -1.26
C MET A 25 -0.71 8.66 -1.28
N LYS A 26 -0.59 8.04 -0.11
CA LYS A 26 -0.62 6.58 0.04
C LYS A 26 -0.39 6.13 1.47
N GLU A 27 -0.70 4.86 1.73
CA GLU A 27 -0.53 4.28 3.06
C GLU A 27 0.92 4.21 3.57
N PRO A 28 1.16 4.65 4.83
CA PRO A 28 0.11 5.19 5.70
C PRO A 28 -0.20 6.63 5.31
N LEU A 29 -1.49 6.91 5.10
CA LEU A 29 -1.90 8.23 4.66
C LEU A 29 -1.42 9.44 5.46
N LYS A 30 -1.27 9.32 6.77
CA LYS A 30 -0.80 10.48 7.52
C LYS A 30 0.65 10.84 7.28
N ILE A 31 1.49 9.83 7.06
CA ILE A 31 2.89 10.12 6.83
C ILE A 31 3.08 10.83 5.51
N HIS A 32 2.28 10.47 4.51
CA HIS A 32 2.41 11.10 3.23
C HIS A 32 1.68 12.42 3.24
N GLU A 33 0.51 12.45 3.87
CA GLU A 33 -0.24 13.69 3.93
C GLU A 33 0.64 14.78 4.55
N SER A 34 1.50 14.39 5.49
CA SER A 34 2.40 15.34 6.16
C SER A 34 3.50 15.79 5.21
N MET A 35 4.09 14.83 4.50
CA MET A 35 5.14 15.14 3.55
C MET A 35 4.68 16.19 2.51
N ARG A 36 3.54 15.94 1.86
CA ARG A 36 3.04 16.86 0.86
C ARG A 36 2.75 18.25 1.43
N TYR A 37 2.17 18.29 2.63
CA TYR A 37 1.81 19.52 3.32
C TYR A 37 2.92 20.58 3.33
N SER A 38 4.13 20.16 3.68
CA SER A 38 5.27 21.06 3.69
C SER A 38 5.98 21.14 2.34
N LEU A 39 6.05 20.02 1.62
CA LEU A 39 6.74 19.99 0.34
C LEU A 39 6.06 20.70 -0.82
N LEU A 40 4.77 20.51 -0.98
CA LEU A 40 4.06 21.14 -2.08
C LEU A 40 3.42 22.44 -1.61
N ALA A 41 3.98 23.02 -0.55
CA ALA A 41 3.45 24.26 0.01
C ALA A 41 3.62 25.45 -0.91
N GLY A 42 4.31 25.26 -2.03
CA GLY A 42 4.52 26.35 -2.95
C GLY A 42 5.42 27.43 -2.37
N GLY A 43 6.62 27.56 -2.94
CA GLY A 43 7.57 28.56 -2.49
C GLY A 43 8.37 29.05 -3.68
N LYS A 44 9.53 29.67 -3.43
CA LYS A 44 10.39 30.19 -4.50
C LYS A 44 11.13 29.12 -5.30
N ARG A 45 11.44 28.00 -4.64
CA ARG A 45 12.15 26.87 -5.24
C ARG A 45 13.52 27.26 -5.78
N VAL A 46 14.24 28.07 -5.02
CA VAL A 46 15.57 28.53 -5.39
C VAL A 46 16.57 27.39 -5.57
N ARG A 47 16.59 26.46 -4.63
CA ARG A 47 17.52 25.34 -4.70
C ARG A 47 17.31 24.50 -5.93
N PRO A 48 16.05 24.16 -6.23
CA PRO A 48 15.74 23.36 -7.41
C PRO A 48 16.15 24.09 -8.68
N MET A 49 16.01 25.43 -8.66
CA MET A 49 16.38 26.28 -9.78
C MET A 49 17.90 26.30 -9.90
N LEU A 50 18.58 26.47 -8.78
CA LEU A 50 20.03 26.48 -8.80
C LEU A 50 20.56 25.18 -9.40
N CYS A 51 19.88 24.09 -9.08
CA CYS A 51 20.27 22.77 -9.57
C CYS A 51 20.12 22.66 -11.07
N ILE A 52 18.91 22.96 -11.55
CA ILE A 52 18.62 22.89 -12.97
C ILE A 52 19.46 23.88 -13.77
N ALA A 53 19.60 25.10 -13.26
CA ALA A 53 20.38 26.14 -13.95
C ALA A 53 21.81 25.68 -14.12
N ALA A 54 22.36 25.09 -13.05
CA ALA A 54 23.72 24.60 -13.05
C ALA A 54 23.86 23.50 -14.09
N CYS A 55 22.85 22.63 -14.20
CA CYS A 55 22.92 21.55 -15.17
C CYS A 55 22.91 22.12 -16.59
N GLU A 56 21.87 22.86 -16.93
CA GLU A 56 21.78 23.43 -18.26
C GLU A 56 22.98 24.30 -18.55
N LEU A 57 23.61 24.83 -17.51
CA LEU A 57 24.77 25.69 -17.69
C LEU A 57 25.86 24.99 -18.51
N VAL A 58 26.06 23.71 -18.25
CA VAL A 58 27.06 22.92 -18.97
C VAL A 58 26.46 22.02 -20.04
N GLY A 59 25.53 22.57 -20.82
CA GLY A 59 24.91 21.78 -21.87
C GLY A 59 24.11 20.65 -21.27
N GLY A 60 23.73 20.80 -20.02
CA GLY A 60 22.95 19.78 -19.35
C GLY A 60 21.51 19.92 -19.77
N ASP A 61 20.71 18.91 -19.43
CA ASP A 61 19.31 18.87 -19.78
C ASP A 61 18.46 18.88 -18.51
N GLU A 62 17.49 19.79 -18.42
CA GLU A 62 16.65 19.87 -17.23
C GLU A 62 16.05 18.55 -16.81
N SER A 63 15.69 17.74 -17.79
CA SER A 63 15.08 16.47 -17.54
C SER A 63 15.97 15.62 -16.64
N THR A 64 17.24 15.53 -17.02
CA THR A 64 18.23 14.76 -16.26
C THR A 64 18.44 15.22 -14.84
N ALA A 65 18.16 16.49 -14.58
CA ALA A 65 18.37 17.07 -13.26
C ALA A 65 17.14 17.19 -12.38
N MET A 66 15.96 17.03 -12.94
CA MET A 66 14.74 17.19 -12.17
C MET A 66 14.67 16.37 -10.89
N PRO A 67 15.10 15.10 -10.94
CA PRO A 67 15.02 14.31 -9.72
C PRO A 67 15.89 14.86 -8.59
N ALA A 68 17.11 15.23 -8.92
CA ALA A 68 18.01 15.79 -7.93
C ALA A 68 17.49 17.16 -7.46
N ALA A 69 16.87 17.89 -8.37
CA ALA A 69 16.33 19.21 -8.05
C ALA A 69 15.27 19.03 -6.99
N CYS A 70 14.41 18.04 -7.20
CA CYS A 70 13.34 17.74 -6.26
C CYS A 70 13.99 17.34 -4.94
N ALA A 71 15.00 16.50 -5.03
CA ALA A 71 15.72 16.02 -3.87
C ALA A 71 16.18 17.13 -2.91
N VAL A 72 16.81 18.16 -3.46
CA VAL A 72 17.31 19.26 -2.63
C VAL A 72 16.18 20.04 -1.98
N GLU A 73 15.02 20.09 -2.63
CA GLU A 73 13.87 20.79 -2.07
C GLU A 73 13.27 19.93 -0.96
N MET A 74 13.39 18.62 -1.11
CA MET A 74 12.88 17.71 -0.11
C MET A 74 13.63 17.92 1.21
N ILE A 75 14.95 18.04 1.12
CA ILE A 75 15.82 18.24 2.27
C ILE A 75 15.50 19.57 2.95
N HIS A 76 15.43 20.63 2.14
CA HIS A 76 15.10 21.96 2.63
C HIS A 76 13.78 21.93 3.36
N THR A 77 12.78 21.34 2.71
CA THR A 77 11.45 21.23 3.28
C THR A 77 11.50 20.52 4.63
N MET A 78 12.22 19.40 4.69
CA MET A 78 12.30 18.66 5.94
C MET A 78 13.15 19.36 6.98
N SER A 79 14.12 20.17 6.56
CA SER A 79 14.92 20.86 7.54
C SER A 79 14.00 21.87 8.23
N LEU A 80 13.20 22.56 7.42
CA LEU A 80 12.27 23.55 7.90
C LEU A 80 11.20 22.91 8.77
N MET A 81 10.83 21.67 8.43
CA MET A 81 9.80 20.92 9.18
C MET A 81 10.26 20.63 10.60
N HIS A 82 11.47 20.12 10.72
CA HIS A 82 12.03 19.80 12.01
C HIS A 82 12.35 21.09 12.74
N ASP A 83 12.81 22.08 11.98
CA ASP A 83 13.18 23.34 12.57
C ASP A 83 12.06 23.97 13.39
N ASP A 84 10.83 23.92 12.88
CA ASP A 84 9.71 24.51 13.61
C ASP A 84 9.25 23.73 14.85
N LEU A 85 9.84 22.57 15.09
CA LEU A 85 9.43 21.75 16.23
C LEU A 85 9.62 22.38 17.60
N PRO A 86 8.72 22.04 18.55
CA PRO A 86 8.73 22.53 19.94
C PRO A 86 10.08 22.46 20.62
N CYS A 87 10.80 21.35 20.46
CA CYS A 87 12.10 21.22 21.09
C CYS A 87 13.11 22.15 20.44
N MET A 88 12.76 22.72 19.31
CA MET A 88 13.69 23.64 18.67
C MET A 88 13.15 25.05 18.64
N ASP A 89 12.79 25.53 17.45
CA ASP A 89 12.29 26.88 17.33
C ASP A 89 10.91 27.03 17.92
N ASN A 90 10.11 25.98 17.81
CA ASN A 90 8.75 26.01 18.30
C ASN A 90 8.03 27.17 17.63
N ASP A 91 7.49 26.91 16.44
CA ASP A 91 6.75 27.92 15.72
C ASP A 91 5.41 27.30 15.41
N ASP A 92 4.34 28.08 15.59
CA ASP A 92 3.02 27.56 15.32
C ASP A 92 2.61 27.91 13.92
N LEU A 93 3.32 28.85 13.32
CA LEU A 93 3.00 29.27 11.97
C LEU A 93 4.22 29.37 11.07
N ARG A 94 3.95 29.38 9.78
CA ARG A 94 4.96 29.50 8.74
C ARG A 94 4.26 29.85 7.44
N ARG A 95 4.44 31.10 7.02
CA ARG A 95 3.83 31.60 5.80
C ARG A 95 2.33 31.78 5.96
N GLY A 96 1.88 31.96 7.21
CA GLY A 96 0.47 32.17 7.45
C GLY A 96 -0.33 30.89 7.56
N LYS A 97 0.36 29.77 7.74
CA LYS A 97 -0.35 28.48 7.87
C LYS A 97 0.17 27.72 9.09
N PRO A 98 -0.70 26.89 9.70
CA PRO A 98 -0.21 26.14 10.85
C PRO A 98 1.03 25.31 10.46
N THR A 99 2.01 25.24 11.35
CA THR A 99 3.23 24.48 11.07
C THR A 99 2.88 23.01 11.05
N ASN A 100 3.73 22.22 10.40
CA ASN A 100 3.49 20.79 10.24
C ASN A 100 3.14 19.97 11.48
N HIS A 101 3.90 20.10 12.56
CA HIS A 101 3.59 19.32 13.74
C HIS A 101 2.27 19.73 14.41
N MET A 102 1.86 20.97 14.21
CA MET A 102 0.60 21.47 14.78
C MET A 102 -0.59 20.84 14.03
N ALA A 103 -0.38 20.51 12.76
CA ALA A 103 -1.44 19.93 11.96
C ALA A 103 -1.53 18.40 12.05
N PHE A 104 -0.40 17.73 12.24
CA PHE A 104 -0.37 16.27 12.32
C PHE A 104 0.26 15.69 13.59
N GLY A 105 0.76 16.58 14.47
CA GLY A 105 1.38 16.11 15.69
C GLY A 105 2.88 16.06 15.56
N GLU A 106 3.59 15.99 16.68
CA GLU A 106 5.05 15.96 16.64
C GLU A 106 5.61 14.69 16.02
N SER A 107 5.01 13.56 16.34
CA SER A 107 5.48 12.26 15.84
C SER A 107 5.49 12.19 14.32
N VAL A 108 4.38 12.60 13.71
CA VAL A 108 4.26 12.59 12.27
C VAL A 108 5.21 13.59 11.65
N ALA A 109 5.30 14.78 12.25
CA ALA A 109 6.17 15.81 11.74
C ALA A 109 7.59 15.28 11.68
N VAL A 110 8.04 14.69 12.78
CA VAL A 110 9.37 14.13 12.84
C VAL A 110 9.57 13.11 11.74
N LEU A 111 8.78 12.04 11.79
CA LEU A 111 8.82 10.94 10.83
C LEU A 111 8.74 11.32 9.37
N ALA A 112 7.81 12.21 9.03
CA ALA A 112 7.63 12.63 7.65
C ALA A 112 8.84 13.41 7.17
N GLY A 113 9.50 14.09 8.10
CA GLY A 113 10.69 14.84 7.75
C GLY A 113 11.73 13.81 7.42
N ASP A 114 11.78 12.77 8.23
CA ASP A 114 12.73 11.68 8.02
C ASP A 114 12.44 11.01 6.69
N ALA A 115 11.16 10.89 6.38
CA ALA A 115 10.72 10.26 5.16
C ALA A 115 11.20 11.06 3.96
N LEU A 116 11.18 12.38 4.08
CA LEU A 116 11.64 13.23 2.98
C LEU A 116 13.14 13.12 2.79
N LEU A 117 13.89 13.02 3.89
CA LEU A 117 15.34 12.92 3.82
C LEU A 117 15.84 11.65 3.14
N SER A 118 15.28 10.50 3.51
CA SER A 118 15.71 9.24 2.91
C SER A 118 15.17 9.14 1.49
N PHE A 119 13.95 9.62 1.28
CA PHE A 119 13.37 9.54 -0.04
C PHE A 119 14.19 10.43 -0.98
N ALA A 120 14.79 11.48 -0.43
CA ALA A 120 15.60 12.40 -1.21
C ALA A 120 16.66 11.59 -1.94
N PHE A 121 17.27 10.64 -1.23
CA PHE A 121 18.29 9.82 -1.85
C PHE A 121 17.68 8.76 -2.77
N GLU A 122 16.57 8.18 -2.35
CA GLU A 122 15.94 7.17 -3.16
C GLU A 122 15.64 7.72 -4.55
N HIS A 123 14.79 8.75 -4.57
CA HIS A 123 14.39 9.38 -5.80
C HIS A 123 15.56 9.69 -6.71
N VAL A 124 16.65 10.22 -6.16
CA VAL A 124 17.81 10.55 -6.98
C VAL A 124 18.50 9.32 -7.54
N ALA A 125 18.64 8.30 -6.71
CA ALA A 125 19.31 7.08 -7.11
C ALA A 125 18.55 6.30 -8.16
N ALA A 126 17.23 6.23 -7.99
CA ALA A 126 16.39 5.47 -8.87
C ALA A 126 15.65 6.20 -9.97
N ALA A 127 15.46 7.51 -9.84
CA ALA A 127 14.73 8.23 -10.87
C ALA A 127 15.65 8.92 -11.85
N THR A 128 16.82 9.32 -11.39
CA THR A 128 17.77 10.00 -12.26
C THR A 128 18.14 9.19 -13.51
N LYS A 129 17.86 9.75 -14.68
CA LYS A 129 18.18 9.08 -15.94
C LYS A 129 19.06 9.99 -16.78
N GLY A 130 19.78 9.39 -17.73
CA GLY A 130 20.64 10.17 -18.61
C GLY A 130 22.03 10.44 -18.06
N ALA A 131 22.46 9.59 -17.11
CA ALA A 131 23.77 9.70 -16.46
C ALA A 131 24.22 8.33 -15.97
N PRO A 132 25.53 8.02 -16.04
CA PRO A 132 26.08 6.74 -15.60
C PRO A 132 26.13 6.61 -14.09
N PRO A 133 25.81 5.43 -13.55
CA PRO A 133 25.79 5.15 -12.12
C PRO A 133 26.95 5.75 -11.34
N GLU A 134 28.10 5.88 -12.01
CA GLU A 134 29.29 6.44 -11.35
C GLU A 134 29.00 7.90 -11.09
N ARG A 135 28.26 8.53 -12.00
CA ARG A 135 27.92 9.92 -11.86
C ARG A 135 26.86 10.09 -10.76
N ILE A 136 25.81 9.27 -10.83
CA ILE A 136 24.74 9.34 -9.84
C ILE A 136 25.27 9.13 -8.43
N VAL A 137 25.99 8.03 -8.22
CA VAL A 137 26.54 7.72 -6.90
C VAL A 137 27.36 8.90 -6.40
N ARG A 138 28.19 9.44 -7.28
CA ARG A 138 29.03 10.58 -6.96
C ARG A 138 28.15 11.72 -6.46
N VAL A 139 27.11 12.02 -7.24
CA VAL A 139 26.16 13.07 -6.91
C VAL A 139 25.48 12.80 -5.59
N LEU A 140 25.24 11.52 -5.28
CA LEU A 140 24.62 11.17 -4.01
C LEU A 140 25.58 11.49 -2.88
N GLY A 141 26.87 11.21 -3.09
CA GLY A 141 27.84 11.51 -2.06
C GLY A 141 27.83 13.00 -1.76
N GLU A 142 27.78 13.82 -2.80
CA GLU A 142 27.77 15.28 -2.66
C GLU A 142 26.55 15.83 -1.89
N LEU A 143 25.37 15.24 -2.12
CA LEU A 143 24.17 15.66 -1.43
C LEU A 143 24.37 15.32 0.03
N ALA A 144 24.90 14.13 0.25
CA ALA A 144 25.17 13.60 1.56
C ALA A 144 26.00 14.55 2.41
N VAL A 145 27.13 14.98 1.87
CA VAL A 145 28.03 15.88 2.58
C VAL A 145 27.44 17.25 2.81
N SER A 146 26.57 17.68 1.89
CA SER A 146 25.96 18.98 1.98
C SER A 146 24.92 19.10 3.08
N ILE A 147 24.47 17.98 3.59
CA ILE A 147 23.44 18.02 4.63
C ILE A 147 23.79 17.35 5.94
N GLY A 148 24.98 16.76 5.99
CA GLY A 148 25.42 16.07 7.19
C GLY A 148 26.00 16.95 8.27
N SER A 149 27.02 16.45 8.97
CA SER A 149 27.66 17.22 10.04
C SER A 149 28.78 18.13 9.53
N GLU A 150 28.87 18.28 8.21
CA GLU A 150 29.86 19.14 7.57
C GLU A 150 29.09 20.07 6.61
N GLY A 151 27.78 20.13 6.83
CA GLY A 151 26.90 20.94 6.01
C GLY A 151 25.69 21.44 6.78
N LEU A 152 24.53 21.35 6.14
CA LEU A 152 23.29 21.81 6.76
C LEU A 152 23.17 21.54 8.25
N VAL A 153 23.21 20.27 8.63
CA VAL A 153 23.07 19.91 10.02
C VAL A 153 24.15 20.51 10.92
N ALA A 154 25.36 20.65 10.38
CA ALA A 154 26.48 21.22 11.14
C ALA A 154 26.14 22.66 11.51
N GLY A 155 25.62 23.37 10.53
CA GLY A 155 25.24 24.76 10.72
C GLY A 155 24.08 24.90 11.71
N GLN A 156 23.10 24.01 11.59
CA GLN A 156 21.93 24.04 12.46
C GLN A 156 22.21 23.54 13.88
N VAL A 157 23.34 22.88 14.08
CA VAL A 157 23.71 22.37 15.40
C VAL A 157 24.45 23.46 16.19
N VAL A 158 25.40 24.13 15.52
CA VAL A 158 26.17 25.19 16.13
C VAL A 158 25.24 26.36 16.49
N ASP A 159 24.22 26.57 15.68
CA ASP A 159 23.23 27.64 15.88
C ASP A 159 22.40 27.44 17.14
N VAL A 160 22.04 26.19 17.44
CA VAL A 160 21.23 25.90 18.62
C VAL A 160 22.08 25.87 19.87
N CYS A 161 23.38 25.61 19.68
CA CYS A 161 24.33 25.58 20.78
C CYS A 161 24.93 26.97 21.01
N SER A 162 24.53 27.92 20.18
CA SER A 162 25.03 29.30 20.25
C SER A 162 24.05 30.28 20.87
N GLU A 163 22.78 29.91 20.97
CA GLU A 163 21.79 30.79 21.55
C GLU A 163 22.09 31.08 23.02
N GLY A 164 23.09 30.37 23.56
CA GLY A 164 23.48 30.54 24.95
C GLY A 164 24.58 31.58 25.13
N MET A 165 25.57 31.53 24.23
CA MET A 165 26.68 32.48 24.26
C MET A 165 26.30 33.71 23.43
N ALA A 166 26.33 34.88 24.04
CA ALA A 166 25.97 36.11 23.33
C ALA A 166 27.21 36.81 22.76
N GLU A 167 28.38 36.20 22.94
CA GLU A 167 29.62 36.76 22.43
C GLU A 167 30.12 35.98 21.21
N VAL A 168 29.42 36.15 20.09
CA VAL A 168 29.75 35.47 18.86
C VAL A 168 30.53 36.37 17.92
N GLY A 169 31.58 35.82 17.33
CA GLY A 169 32.41 36.59 16.42
C GLY A 169 32.05 36.32 14.97
N LEU A 170 32.61 37.13 14.08
CA LEU A 170 32.37 36.99 12.65
C LEU A 170 32.71 35.58 12.22
N ASP A 171 33.68 34.99 12.92
CA ASP A 171 34.13 33.63 12.64
C ASP A 171 33.00 32.66 12.93
N HIS A 172 32.43 32.79 14.12
CA HIS A 172 31.34 31.92 14.53
C HIS A 172 30.09 32.17 13.69
N LEU A 173 29.82 33.44 13.38
CA LEU A 173 28.64 33.74 12.59
C LEU A 173 28.77 33.21 11.16
N GLU A 174 29.92 33.41 10.53
CA GLU A 174 30.08 32.92 9.17
C GLU A 174 30.06 31.41 9.07
N PHE A 175 30.36 30.69 10.15
CA PHE A 175 30.33 29.23 10.08
C PHE A 175 28.87 28.83 10.04
N ILE A 176 28.10 29.37 10.98
CA ILE A 176 26.69 29.06 11.05
C ILE A 176 26.03 29.32 9.70
N HIS A 177 26.41 30.39 9.02
CA HIS A 177 25.81 30.71 7.73
C HIS A 177 26.28 29.84 6.58
N HIS A 178 27.55 29.45 6.58
CA HIS A 178 28.05 28.64 5.49
C HIS A 178 27.45 27.24 5.54
N HIS A 179 27.25 26.72 6.74
CA HIS A 179 26.72 25.38 6.92
C HIS A 179 25.20 25.31 6.93
N LYS A 180 24.56 26.27 7.59
CA LYS A 180 23.12 26.30 7.66
C LYS A 180 22.46 26.88 6.42
N THR A 181 23.25 27.44 5.51
CA THR A 181 22.69 28.04 4.31
C THR A 181 23.39 27.73 2.99
N ALA A 182 24.67 28.10 2.87
CA ALA A 182 25.40 27.87 1.62
C ALA A 182 25.65 26.39 1.32
N ALA A 183 25.73 25.57 2.36
CA ALA A 183 25.98 24.14 2.22
C ALA A 183 25.00 23.49 1.24
N LEU A 184 23.71 23.68 1.46
CA LEU A 184 22.70 23.11 0.59
C LEU A 184 22.69 23.77 -0.80
N LEU A 185 22.90 25.08 -0.85
CA LEU A 185 22.95 25.77 -2.14
C LEU A 185 24.13 25.19 -2.91
N GLN A 186 25.22 24.94 -2.18
CA GLN A 186 26.42 24.38 -2.77
C GLN A 186 26.06 23.01 -3.35
N GLY A 187 25.34 22.21 -2.57
CA GLY A 187 24.96 20.90 -3.07
C GLY A 187 24.18 21.04 -4.37
N SER A 188 23.07 21.77 -4.31
CA SER A 188 22.20 21.95 -5.46
C SER A 188 22.97 22.28 -6.73
N VAL A 189 23.75 23.33 -6.68
CA VAL A 189 24.47 23.74 -7.86
C VAL A 189 25.46 22.67 -8.32
N VAL A 190 26.07 21.97 -7.38
CA VAL A 190 27.03 20.92 -7.76
C VAL A 190 26.33 19.71 -8.38
N LEU A 191 25.13 19.39 -7.91
CA LEU A 191 24.42 18.25 -8.49
C LEU A 191 24.09 18.55 -9.94
N GLY A 192 23.50 19.70 -10.21
CA GLY A 192 23.16 20.04 -11.58
C GLY A 192 24.35 19.93 -12.51
N ALA A 193 25.48 20.50 -12.10
CA ALA A 193 26.71 20.50 -12.91
C ALA A 193 27.30 19.12 -13.21
N ILE A 194 27.31 18.25 -12.21
CA ILE A 194 27.85 16.91 -12.41
C ILE A 194 26.96 16.14 -13.37
N LEU A 195 25.67 16.14 -13.09
CA LEU A 195 24.73 15.43 -13.92
C LEU A 195 24.70 16.03 -15.32
N GLY A 196 25.20 17.24 -15.45
CA GLY A 196 25.21 17.90 -16.75
C GLY A 196 26.45 17.58 -17.58
N GLY A 197 27.38 16.87 -16.97
CA GLY A 197 28.62 16.51 -17.67
C GLY A 197 29.68 17.57 -17.52
N GLY A 198 29.59 18.34 -16.46
CA GLY A 198 30.56 19.40 -16.24
C GLY A 198 31.95 18.97 -15.81
N LYS A 199 32.97 19.60 -16.39
CA LYS A 199 34.37 19.30 -16.06
C LYS A 199 34.58 19.67 -14.60
N GLU A 200 35.63 19.14 -13.99
CA GLU A 200 35.88 19.43 -12.58
C GLU A 200 36.12 20.92 -12.34
N GLU A 201 36.73 21.60 -13.30
CA GLU A 201 36.98 23.03 -13.21
C GLU A 201 35.65 23.75 -13.07
N GLU A 202 34.75 23.47 -14.01
CA GLU A 202 33.42 24.07 -14.01
C GLU A 202 32.75 23.81 -12.66
N VAL A 203 32.76 22.55 -12.25
CA VAL A 203 32.15 22.18 -10.98
C VAL A 203 32.73 22.99 -9.82
N ALA A 204 34.02 23.31 -9.86
CA ALA A 204 34.65 24.07 -8.78
C ALA A 204 34.20 25.53 -8.73
N LYS A 205 34.05 26.16 -9.88
CA LYS A 205 33.61 27.55 -9.93
C LYS A 205 32.22 27.63 -9.31
N LEU A 206 31.33 26.77 -9.78
CA LEU A 206 29.98 26.75 -9.28
C LEU A 206 29.93 26.54 -7.78
N ARG A 207 30.84 25.73 -7.26
CA ARG A 207 30.83 25.50 -5.83
C ARG A 207 31.08 26.84 -5.14
N LYS A 208 32.01 27.63 -5.68
CA LYS A 208 32.33 28.93 -5.10
C LYS A 208 31.16 29.89 -5.26
N PHE A 209 30.68 30.02 -6.49
CA PHE A 209 29.54 30.87 -6.81
C PHE A 209 28.49 30.70 -5.70
N ALA A 210 28.08 29.46 -5.48
CA ALA A 210 27.08 29.16 -4.47
C ALA A 210 27.44 29.70 -3.09
N ASN A 211 28.69 29.46 -2.66
CA ASN A 211 29.15 29.93 -1.36
C ASN A 211 29.04 31.44 -1.22
N CYS A 212 29.38 32.15 -2.28
CA CYS A 212 29.29 33.59 -2.25
C CYS A 212 27.82 33.99 -2.06
N ILE A 213 26.97 33.60 -3.01
CA ILE A 213 25.56 33.95 -2.91
C ILE A 213 24.91 33.37 -1.65
N GLY A 214 25.51 32.32 -1.10
CA GLY A 214 24.93 31.77 0.11
C GLY A 214 25.16 32.76 1.23
N LEU A 215 26.40 33.23 1.33
CA LEU A 215 26.75 34.16 2.37
C LEU A 215 26.00 35.45 2.07
N LEU A 216 26.06 35.86 0.81
CA LEU A 216 25.38 37.06 0.34
C LEU A 216 23.97 37.24 0.88
N PHE A 217 23.17 36.17 0.85
CA PHE A 217 21.81 36.19 1.33
C PHE A 217 21.65 36.64 2.80
N GLN A 218 22.44 36.05 3.67
CA GLN A 218 22.37 36.33 5.11
C GLN A 218 22.87 37.70 5.48
N VAL A 219 23.79 38.19 4.67
CA VAL A 219 24.35 39.49 4.89
C VAL A 219 23.29 40.51 4.51
N VAL A 220 22.88 40.48 3.25
CA VAL A 220 21.88 41.42 2.79
C VAL A 220 20.65 41.36 3.66
N ASP A 221 20.37 40.17 4.17
CA ASP A 221 19.21 39.98 5.02
C ASP A 221 19.43 40.68 6.35
N ASP A 222 20.70 40.79 6.75
CA ASP A 222 21.02 41.47 8.00
C ASP A 222 20.98 42.99 7.80
N ILE A 223 21.43 43.42 6.63
CA ILE A 223 21.46 44.84 6.30
C ILE A 223 20.04 45.39 6.29
N LEU A 224 19.15 44.68 5.63
CA LEU A 224 17.76 45.11 5.53
C LEU A 224 17.05 45.30 6.86
N ASP A 225 17.22 44.36 7.80
CA ASP A 225 16.55 44.49 9.08
C ASP A 225 16.99 45.73 9.84
N VAL A 226 17.93 46.48 9.28
CA VAL A 226 18.42 47.70 9.91
C VAL A 226 17.95 48.93 9.14
N THR A 227 17.86 48.78 7.83
CA THR A 227 17.41 49.87 6.96
C THR A 227 15.93 49.61 6.62
N LYS A 228 15.13 49.39 7.65
CA LYS A 228 13.71 49.11 7.51
C LYS A 228 12.83 50.27 7.97
N LYS A 245 22.17 37.60 20.63
CA LYS A 245 21.88 37.89 19.19
C LYS A 245 23.04 38.64 18.50
N THR A 246 23.35 38.24 17.27
CA THR A 246 24.44 38.85 16.53
C THR A 246 24.05 39.04 15.07
N THR A 247 24.64 40.05 14.42
CA THR A 247 24.37 40.35 13.02
C THR A 247 25.58 41.02 12.41
N TYR A 248 25.74 40.95 11.08
CA TYR A 248 26.88 41.57 10.41
C TYR A 248 27.01 43.06 10.72
N PRO A 249 25.88 43.75 10.95
CA PRO A 249 25.97 45.18 11.26
C PRO A 249 26.48 45.42 12.68
N LYS A 250 26.06 44.57 13.62
CA LYS A 250 26.52 44.70 15.00
C LYS A 250 28.01 44.42 15.04
N LEU A 251 28.47 43.60 14.11
CA LEU A 251 29.88 43.21 14.05
C LEU A 251 30.80 44.10 13.23
N ILE A 252 30.35 44.53 12.06
CA ILE A 252 31.19 45.36 11.22
C ILE A 252 30.52 46.64 10.76
N GLY A 253 29.25 46.83 11.14
CA GLY A 253 28.51 48.01 10.74
C GLY A 253 27.87 47.87 9.36
N VAL A 254 26.78 48.58 9.13
CA VAL A 254 26.08 48.50 7.85
C VAL A 254 27.03 48.81 6.70
N GLU A 255 27.54 50.03 6.67
CA GLU A 255 28.46 50.48 5.62
C GLU A 255 29.36 49.34 5.18
N LYS A 256 30.04 48.74 6.15
CA LYS A 256 30.94 47.64 5.88
C LYS A 256 30.19 46.42 5.38
N SER A 257 29.11 46.06 6.06
CA SER A 257 28.30 44.91 5.67
C SER A 257 27.94 44.98 4.19
N LYS A 258 27.58 46.17 3.74
CA LYS A 258 27.25 46.40 2.32
C LYS A 258 28.49 46.14 1.46
N GLU A 259 29.63 46.66 1.91
CA GLU A 259 30.86 46.48 1.18
C GLU A 259 31.03 45.00 0.90
N PHE A 260 30.83 44.21 1.94
CA PHE A 260 30.96 42.76 1.85
C PHE A 260 30.00 42.20 0.81
N ALA A 261 28.73 42.56 0.93
CA ALA A 261 27.71 42.10 0.00
C ALA A 261 28.11 42.34 -1.45
N ASP A 262 28.64 43.52 -1.76
CA ASP A 262 29.02 43.82 -3.12
C ASP A 262 30.20 42.96 -3.54
N ARG A 263 31.12 42.76 -2.61
CA ARG A 263 32.27 41.91 -2.92
C ARG A 263 31.74 40.49 -3.20
N LEU A 264 30.84 40.03 -2.35
CA LEU A 264 30.26 38.71 -2.49
C LEU A 264 29.57 38.55 -3.84
N ASN A 265 28.80 39.55 -4.25
CA ASN A 265 28.11 39.49 -5.52
C ASN A 265 29.08 39.59 -6.68
N ARG A 266 30.10 40.43 -6.53
CA ARG A 266 31.09 40.59 -7.58
C ARG A 266 31.80 39.26 -7.82
N GLU A 267 32.29 38.66 -6.74
CA GLU A 267 32.99 37.38 -6.82
C GLU A 267 32.14 36.28 -7.44
N ALA A 268 30.93 36.10 -6.93
CA ALA A 268 30.03 35.07 -7.45
C ALA A 268 29.90 35.19 -8.95
N GLN A 269 29.69 36.42 -9.43
CA GLN A 269 29.53 36.65 -10.85
C GLN A 269 30.77 36.36 -11.70
N GLU A 270 31.95 36.35 -11.07
CA GLU A 270 33.18 36.09 -11.79
C GLU A 270 33.30 34.61 -12.06
N GLN A 271 32.84 33.80 -11.13
CA GLN A 271 32.91 32.36 -11.29
C GLN A 271 32.24 31.89 -12.56
N LEU A 272 31.28 32.65 -13.06
CA LEU A 272 30.54 32.29 -14.27
C LEU A 272 31.05 32.97 -15.54
N LEU A 273 32.13 33.72 -15.42
CA LEU A 273 32.71 34.44 -16.55
C LEU A 273 33.00 33.63 -17.81
N HIS A 274 33.35 32.36 -17.68
CA HIS A 274 33.67 31.61 -18.87
C HIS A 274 32.60 30.74 -19.51
N PHE A 275 31.55 30.41 -18.79
CA PHE A 275 30.49 29.61 -19.41
C PHE A 275 29.83 30.55 -20.42
N HIS A 276 28.92 30.03 -21.25
CA HIS A 276 28.24 30.87 -22.24
C HIS A 276 27.50 32.02 -21.55
N PRO A 277 27.65 33.24 -22.08
CA PRO A 277 27.02 34.47 -21.57
C PRO A 277 25.54 34.26 -21.32
N HIS A 278 24.92 33.57 -22.26
CA HIS A 278 23.51 33.26 -22.28
C HIS A 278 23.06 32.25 -21.23
N ARG A 279 23.81 31.16 -21.09
CA ARG A 279 23.48 30.12 -20.11
C ARG A 279 23.80 30.58 -18.69
N ALA A 280 24.67 31.57 -18.57
CA ALA A 280 25.06 32.07 -17.25
C ALA A 280 24.13 33.18 -16.75
N ALA A 281 23.41 33.81 -17.68
CA ALA A 281 22.50 34.90 -17.38
C ALA A 281 21.60 34.69 -16.16
N PRO A 282 20.87 33.57 -16.08
CA PRO A 282 19.99 33.31 -14.94
C PRO A 282 20.66 33.41 -13.55
N LEU A 283 21.81 32.77 -13.41
CA LEU A 283 22.56 32.80 -12.16
C LEU A 283 23.04 34.21 -11.85
N ILE A 284 23.66 34.86 -12.83
CA ILE A 284 24.12 36.22 -12.66
C ILE A 284 22.91 37.00 -12.14
N ALA A 285 21.77 36.80 -12.80
CA ALA A 285 20.52 37.47 -12.41
C ALA A 285 20.06 37.14 -10.98
N LEU A 286 20.19 35.89 -10.57
CA LEU A 286 19.81 35.50 -9.22
C LEU A 286 20.78 36.15 -8.24
N ALA A 287 22.04 36.29 -8.65
CA ALA A 287 23.04 36.90 -7.79
C ALA A 287 22.64 38.32 -7.46
N ASN A 288 22.45 39.13 -8.50
CA ASN A 288 22.05 40.53 -8.34
C ASN A 288 20.79 40.61 -7.50
N TYR A 289 19.81 39.77 -7.85
CA TYR A 289 18.55 39.75 -7.12
C TYR A 289 18.75 39.57 -5.64
N ILE A 290 19.74 38.78 -5.25
CA ILE A 290 19.99 38.54 -3.84
C ILE A 290 20.60 39.78 -3.20
N ALA A 291 21.34 40.54 -4.00
CA ALA A 291 22.01 41.74 -3.49
C ALA A 291 21.10 42.99 -3.39
N TYR A 292 20.31 43.23 -4.44
CA TYR A 292 19.45 44.40 -4.48
C TYR A 292 17.99 44.14 -4.17
N ARG A 293 17.73 43.57 -3.00
CA ARG A 293 16.36 43.29 -2.60
C ARG A 293 15.94 44.36 -1.60
N ASP A 294 14.67 44.75 -1.64
CA ASP A 294 14.16 45.75 -0.71
C ASP A 294 13.57 45.04 0.51
N ASN A 295 13.57 43.71 0.45
CA ASN A 295 13.07 42.84 1.53
C ASN A 295 13.30 41.35 1.21
N MET B 1 29.04 -19.04 14.14
CA MET B 1 27.97 -19.00 15.19
C MET B 1 28.31 -18.01 16.32
N GLN B 2 28.47 -18.52 17.53
CA GLN B 2 28.75 -17.69 18.69
C GLN B 2 29.77 -16.56 18.43
N PRO B 3 31.07 -16.89 18.25
CA PRO B 3 32.07 -15.84 18.00
C PRO B 3 32.17 -15.32 16.56
N TYR B 4 31.33 -15.81 15.67
CA TYR B 4 31.34 -15.34 14.28
C TYR B 4 30.57 -14.03 14.18
N TRP B 5 29.40 -14.01 14.80
CA TRP B 5 28.53 -12.85 14.85
C TRP B 5 29.18 -11.79 15.73
N ALA B 6 30.25 -12.20 16.41
CA ALA B 6 31.00 -11.30 17.28
C ALA B 6 32.03 -10.55 16.43
N ALA B 7 32.92 -11.27 15.76
CA ALA B 7 33.91 -10.62 14.89
C ALA B 7 33.21 -9.70 13.89
N ILE B 8 31.93 -9.99 13.63
CA ILE B 8 31.15 -9.19 12.71
C ILE B 8 30.71 -7.91 13.40
N GLU B 9 30.05 -8.02 14.55
CA GLU B 9 29.63 -6.81 15.26
C GLU B 9 30.85 -5.93 15.55
N ALA B 10 32.00 -6.58 15.74
CA ALA B 10 33.25 -5.88 16.03
C ALA B 10 33.85 -5.21 14.79
N ASP B 11 34.07 -5.96 13.73
CA ASP B 11 34.64 -5.38 12.51
C ASP B 11 33.79 -4.22 12.03
N ILE B 12 32.52 -4.22 12.42
CA ILE B 12 31.60 -3.15 12.05
C ILE B 12 31.76 -2.00 13.01
N GLU B 13 31.71 -2.29 14.31
CA GLU B 13 31.88 -1.22 15.27
C GLU B 13 33.20 -0.52 15.04
N ARG B 14 34.24 -1.28 14.75
CA ARG B 14 35.56 -0.72 14.52
C ARG B 14 35.55 0.25 13.33
N TYR B 15 34.98 -0.21 12.22
CA TYR B 15 34.90 0.60 11.02
C TYR B 15 34.12 1.90 11.28
N LEU B 16 33.15 1.85 12.19
CA LEU B 16 32.37 3.03 12.54
C LEU B 16 33.20 4.00 13.38
N LYS B 17 33.87 3.46 14.40
CA LYS B 17 34.70 4.29 15.26
C LYS B 17 35.87 4.91 14.50
N LYS B 18 36.26 4.26 13.41
CA LYS B 18 37.35 4.75 12.57
C LYS B 18 36.80 5.80 11.63
N SER B 19 35.48 5.83 11.47
CA SER B 19 34.85 6.80 10.57
C SER B 19 34.18 8.01 11.23
N ILE B 20 33.69 7.85 12.45
CA ILE B 20 33.08 8.96 13.17
C ILE B 20 34.12 9.40 14.19
N THR B 21 34.97 10.36 13.80
CA THR B 21 36.04 10.84 14.68
C THR B 21 35.77 12.16 15.42
N ILE B 22 35.42 12.07 16.70
CA ILE B 22 35.16 13.27 17.51
C ILE B 22 36.19 14.33 17.19
N ARG B 23 35.73 15.54 16.88
CA ARG B 23 36.64 16.61 16.53
C ARG B 23 35.90 17.95 16.45
N PRO B 24 36.56 19.00 15.96
CA PRO B 24 35.92 20.31 15.84
C PRO B 24 34.80 20.36 14.80
N PRO B 25 33.59 20.79 15.21
CA PRO B 25 33.25 21.20 16.58
C PRO B 25 32.69 20.08 17.45
N GLU B 26 33.32 19.83 18.59
CA GLU B 26 32.91 18.78 19.53
C GLU B 26 31.44 18.89 19.93
N THR B 27 30.76 19.93 19.46
CA THR B 27 29.36 20.12 19.78
C THR B 27 28.50 19.37 18.78
N VAL B 28 29.04 19.21 17.58
CA VAL B 28 28.34 18.49 16.51
C VAL B 28 28.70 17.01 16.60
N PHE B 29 29.98 16.72 16.44
CA PHE B 29 30.47 15.34 16.49
C PHE B 29 30.46 14.75 17.90
N GLY B 30 30.30 15.61 18.90
CA GLY B 30 30.24 15.10 20.26
C GLY B 30 29.03 14.18 20.29
N PRO B 31 27.86 14.65 19.80
CA PRO B 31 26.66 13.83 19.78
C PRO B 31 26.68 12.79 18.66
N MET B 32 27.09 13.19 17.46
CA MET B 32 27.11 12.26 16.33
C MET B 32 27.80 10.97 16.74
N HIS B 33 28.79 11.09 17.62
CA HIS B 33 29.51 9.91 18.06
C HIS B 33 28.70 9.15 19.10
N HIS B 34 28.43 9.79 20.23
CA HIS B 34 27.68 9.13 21.29
C HIS B 34 26.44 8.40 20.79
N LEU B 35 25.56 9.12 20.09
CA LEU B 35 24.33 8.54 19.58
C LEU B 35 24.53 7.40 18.55
N THR B 36 25.60 7.43 17.76
CA THR B 36 25.83 6.37 16.79
C THR B 36 26.10 5.04 17.48
N PHE B 37 26.82 5.10 18.60
CA PHE B 37 27.17 3.90 19.35
C PHE B 37 26.31 3.59 20.58
N ALA B 38 25.44 4.53 20.96
CA ALA B 38 24.57 4.36 22.12
C ALA B 38 23.36 3.56 21.70
N ALA B 39 23.24 3.37 20.40
CA ALA B 39 22.12 2.62 19.83
C ALA B 39 22.43 1.13 19.76
N PRO B 40 21.50 0.30 20.26
CA PRO B 40 21.76 -1.14 20.21
C PRO B 40 22.06 -1.54 18.78
N ALA B 41 22.90 -2.55 18.61
CA ALA B 41 23.25 -3.02 17.27
C ALA B 41 22.00 -3.58 16.61
N THR B 42 21.97 -3.63 15.29
CA THR B 42 20.83 -4.21 14.62
C THR B 42 21.33 -5.40 13.83
N ALA B 43 20.60 -6.52 13.91
CA ALA B 43 20.98 -7.73 13.19
C ALA B 43 21.12 -7.47 11.69
N ALA B 44 20.42 -6.46 11.21
CA ALA B 44 20.47 -6.10 9.80
C ALA B 44 21.89 -5.91 9.29
N SER B 45 22.74 -5.22 10.08
CA SER B 45 24.14 -4.99 9.71
C SER B 45 24.89 -6.32 9.69
N THR B 46 24.70 -7.09 10.76
CA THR B 46 25.34 -8.39 10.88
C THR B 46 24.98 -9.21 9.64
N LEU B 47 23.68 -9.30 9.39
CA LEU B 47 23.15 -10.05 8.26
C LEU B 47 23.72 -9.57 6.94
N CYS B 48 24.06 -8.28 6.89
CA CYS B 48 24.60 -7.72 5.66
C CYS B 48 25.96 -8.31 5.32
N LEU B 49 26.86 -8.33 6.30
CA LEU B 49 28.19 -8.89 6.09
C LEU B 49 28.12 -10.41 5.87
N ALA B 50 27.32 -11.08 6.70
CA ALA B 50 27.15 -12.52 6.62
C ALA B 50 26.73 -12.94 5.21
N ALA B 51 25.73 -12.25 4.67
CA ALA B 51 25.24 -12.56 3.35
C ALA B 51 26.36 -12.37 2.33
N CYS B 52 27.16 -11.31 2.49
CA CYS B 52 28.25 -11.09 1.55
C CYS B 52 29.19 -12.30 1.50
N GLU B 53 29.80 -12.64 2.64
CA GLU B 53 30.70 -13.79 2.72
C GLU B 53 29.99 -15.08 2.27
N LEU B 54 28.68 -15.13 2.37
CA LEU B 54 27.97 -16.33 1.95
C LEU B 54 28.04 -16.53 0.45
N VAL B 55 27.74 -15.48 -0.30
CA VAL B 55 27.78 -15.53 -1.74
C VAL B 55 29.23 -15.61 -2.23
N GLY B 56 30.17 -15.49 -1.30
CA GLY B 56 31.58 -15.57 -1.65
C GLY B 56 32.38 -14.28 -1.60
N GLY B 57 31.69 -13.18 -1.34
CA GLY B 57 32.36 -11.90 -1.30
C GLY B 57 33.23 -11.68 -0.08
N ASP B 58 34.10 -10.67 -0.19
CA ASP B 58 35.00 -10.31 0.89
C ASP B 58 34.25 -9.36 1.81
N ARG B 59 34.31 -9.62 3.11
CA ARG B 59 33.65 -8.80 4.13
C ARG B 59 33.66 -7.29 3.91
N SER B 60 34.82 -6.73 3.59
CA SER B 60 34.92 -5.29 3.38
C SER B 60 34.00 -4.74 2.30
N GLN B 61 33.77 -5.52 1.25
CA GLN B 61 32.90 -5.10 0.16
C GLN B 61 31.52 -4.60 0.60
N ALA B 62 31.03 -5.13 1.72
CA ALA B 62 29.73 -4.75 2.23
C ALA B 62 29.85 -4.15 3.62
N MET B 63 30.98 -3.52 3.89
CA MET B 63 31.22 -2.90 5.18
C MET B 63 30.61 -1.51 5.21
N ALA B 64 30.78 -0.78 4.12
CA ALA B 64 30.21 0.56 4.05
C ALA B 64 28.69 0.44 4.18
N ALA B 65 28.14 -0.56 3.50
CA ALA B 65 26.69 -0.80 3.53
C ALA B 65 26.21 -1.17 4.93
N ALA B 66 26.89 -2.12 5.56
CA ALA B 66 26.51 -2.53 6.91
C ALA B 66 26.59 -1.32 7.82
N ALA B 67 27.59 -0.49 7.59
CA ALA B 67 27.73 0.72 8.40
C ALA B 67 26.53 1.61 8.09
N ALA B 68 26.21 1.74 6.81
CA ALA B 68 25.09 2.54 6.35
C ALA B 68 23.80 2.10 7.03
N ILE B 69 23.61 0.81 7.14
CA ILE B 69 22.39 0.29 7.76
C ILE B 69 22.32 0.62 9.24
N HIS B 70 23.41 0.48 9.99
CA HIS B 70 23.36 0.80 11.42
C HIS B 70 23.06 2.28 11.63
N LEU B 71 23.66 3.13 10.79
CA LEU B 71 23.45 4.57 10.87
C LEU B 71 21.97 4.89 10.74
N VAL B 72 21.34 4.30 9.73
CA VAL B 72 19.93 4.53 9.50
C VAL B 72 19.14 4.01 10.69
N HIS B 73 19.49 2.82 11.18
CA HIS B 73 18.81 2.26 12.34
C HIS B 73 19.01 3.22 13.52
N ALA B 74 20.27 3.55 13.79
CA ALA B 74 20.65 4.44 14.89
C ALA B 74 19.85 5.73 14.86
N ALA B 75 19.97 6.45 13.74
CA ALA B 75 19.23 7.69 13.57
C ALA B 75 17.76 7.52 13.91
N ALA B 76 17.14 6.48 13.34
CA ALA B 76 15.72 6.23 13.57
C ALA B 76 15.40 5.88 15.03
N TYR B 77 16.31 5.15 15.67
CA TYR B 77 16.16 4.74 17.06
C TYR B 77 16.12 5.96 17.96
N VAL B 78 17.03 6.90 17.70
CA VAL B 78 17.11 8.12 18.47
C VAL B 78 15.79 8.84 18.35
N HIS B 79 15.39 9.13 17.10
CA HIS B 79 14.16 9.85 16.85
C HIS B 79 12.92 9.22 17.44
N GLU B 80 12.88 7.90 17.56
CA GLU B 80 11.70 7.29 18.13
C GLU B 80 11.72 7.38 19.63
N HIS B 81 12.74 8.04 20.17
CA HIS B 81 12.86 8.19 21.61
C HIS B 81 12.80 9.63 22.10
N LEU B 82 12.79 10.57 21.16
CA LEU B 82 12.71 11.98 21.49
C LEU B 82 11.47 12.22 22.33
N PRO B 83 11.58 13.05 23.38
CA PRO B 83 10.42 13.35 24.24
C PRO B 83 9.52 14.36 23.52
N LEU B 84 8.24 14.03 23.38
CA LEU B 84 7.31 14.92 22.71
C LEU B 84 6.29 15.55 23.67
N THR B 85 6.00 16.82 23.47
CA THR B 85 5.09 17.56 24.34
C THR B 85 3.60 17.33 24.10
N ASP B 86 3.20 17.21 22.83
CA ASP B 86 1.79 17.00 22.49
C ASP B 86 1.28 15.60 22.74
N GLY B 87 2.14 14.74 23.26
CA GLY B 87 1.75 13.37 23.55
C GLY B 87 1.17 12.65 22.34
N SER B 88 1.63 13.01 21.15
CA SER B 88 1.14 12.37 19.93
C SER B 88 1.72 10.97 19.83
N ARG B 89 2.90 10.79 20.41
CA ARG B 89 3.56 9.50 20.40
C ARG B 89 3.44 8.88 21.80
N PRO B 90 2.71 7.78 21.92
CA PRO B 90 2.54 7.12 23.23
C PRO B 90 3.86 6.94 23.97
N VAL B 91 3.81 7.15 25.27
CA VAL B 91 5.00 7.02 26.13
C VAL B 91 5.45 5.58 26.35
N SER B 92 6.55 5.20 25.70
CA SER B 92 7.09 3.85 25.84
C SER B 92 7.88 3.78 27.15
N LYS B 93 7.44 2.91 28.05
CA LYS B 93 8.08 2.76 29.36
C LYS B 93 9.60 2.52 29.35
N PRO B 94 10.15 1.96 28.25
CA PRO B 94 11.60 1.74 28.25
C PRO B 94 12.31 3.08 28.01
N ALA B 95 12.12 4.02 28.92
CA ALA B 95 12.70 5.36 28.82
C ALA B 95 14.22 5.36 28.85
N ILE B 96 14.84 5.54 27.69
CA ILE B 96 16.30 5.57 27.64
C ILE B 96 16.80 6.90 28.19
N GLN B 97 18.06 6.92 28.61
CA GLN B 97 18.64 8.13 29.16
C GLN B 97 19.09 9.11 28.08
N HIS B 98 18.87 10.39 28.35
CA HIS B 98 19.23 11.43 27.40
C HIS B 98 20.38 12.33 27.86
N LYS B 99 21.55 12.06 27.32
CA LYS B 99 22.74 12.84 27.63
C LYS B 99 22.48 14.21 27.01
N TYR B 100 22.40 14.25 25.69
CA TYR B 100 22.15 15.50 24.97
C TYR B 100 20.66 15.84 25.00
N GLY B 101 20.34 17.05 24.55
CA GLY B 101 18.96 17.48 24.54
C GLY B 101 18.17 17.13 23.29
N PRO B 102 16.84 17.33 23.30
CA PRO B 102 15.94 17.05 22.17
C PRO B 102 16.34 17.70 20.84
N ASN B 103 16.78 18.95 20.88
CA ASN B 103 17.18 19.63 19.65
C ASN B 103 18.43 19.04 19.00
N VAL B 104 19.40 18.63 19.83
CA VAL B 104 20.65 18.04 19.35
C VAL B 104 20.45 16.61 18.87
N GLU B 105 19.57 15.87 19.53
CA GLU B 105 19.30 14.49 19.12
C GLU B 105 18.66 14.53 17.74
N LEU B 106 17.58 15.26 17.63
CA LEU B 106 16.86 15.41 16.37
C LEU B 106 17.83 15.73 15.22
N LEU B 107 18.58 16.82 15.35
CA LEU B 107 19.53 17.21 14.32
C LEU B 107 20.64 16.17 14.06
N THR B 108 21.08 15.48 15.11
CA THR B 108 22.11 14.45 14.97
C THR B 108 21.53 13.29 14.16
N GLY B 109 20.29 12.95 14.47
CA GLY B 109 19.62 11.88 13.73
C GLY B 109 19.56 12.26 12.27
N ASP B 110 19.44 13.56 12.01
CA ASP B 110 19.40 14.06 10.63
C ASP B 110 20.81 14.14 10.07
N GLY B 111 21.82 14.01 10.92
CA GLY B 111 23.18 14.07 10.44
C GLY B 111 23.75 12.68 10.19
N ILE B 112 23.33 11.73 11.03
CA ILE B 112 23.76 10.35 10.94
C ILE B 112 23.26 9.63 9.66
N VAL B 113 21.97 9.78 9.37
CA VAL B 113 21.37 9.15 8.20
C VAL B 113 22.09 9.46 6.90
N PRO B 114 22.31 10.75 6.61
CA PRO B 114 23.01 11.00 5.35
C PRO B 114 24.45 10.48 5.37
N PHE B 115 25.07 10.48 6.55
CA PHE B 115 26.45 10.01 6.66
C PHE B 115 26.58 8.59 6.11
N GLY B 116 25.52 7.80 6.28
CA GLY B 116 25.51 6.44 5.77
C GLY B 116 25.75 6.42 4.27
N PHE B 117 25.01 7.23 3.53
CA PHE B 117 25.15 7.28 2.08
C PHE B 117 26.47 7.90 1.68
N GLU B 118 26.97 8.81 2.51
CA GLU B 118 28.25 9.43 2.25
C GLU B 118 29.27 8.29 2.19
N LEU B 119 29.27 7.48 3.24
CA LEU B 119 30.17 6.35 3.34
C LEU B 119 30.05 5.44 2.13
N LEU B 120 28.80 5.17 1.74
CA LEU B 120 28.52 4.32 0.60
C LEU B 120 29.11 4.90 -0.67
N ALA B 121 28.62 6.07 -1.06
CA ALA B 121 29.11 6.73 -2.26
C ALA B 121 30.61 6.92 -2.16
N GLY B 122 31.07 7.30 -0.98
CA GLY B 122 32.48 7.55 -0.77
C GLY B 122 33.37 6.32 -0.65
N SER B 123 32.79 5.12 -0.79
CA SER B 123 33.57 3.90 -0.70
C SER B 123 33.74 3.20 -2.05
N VAL B 124 33.48 3.93 -3.13
CA VAL B 124 33.62 3.34 -4.47
C VAL B 124 35.08 3.23 -4.88
N ASP B 125 35.57 2.01 -5.06
CA ASP B 125 36.94 1.87 -5.48
C ASP B 125 36.95 1.97 -7.00
N PRO B 126 37.59 3.02 -7.54
CA PRO B 126 37.66 3.24 -8.99
C PRO B 126 38.46 2.16 -9.74
N ALA B 127 39.15 1.32 -8.98
CA ALA B 127 39.94 0.24 -9.58
C ALA B 127 38.99 -0.92 -9.89
N ARG B 128 37.92 -1.01 -9.10
CA ARG B 128 36.90 -2.04 -9.27
C ARG B 128 35.85 -1.46 -10.21
N THR B 129 35.37 -2.25 -11.17
CA THR B 129 34.40 -1.72 -12.13
C THR B 129 32.93 -2.03 -11.94
N ASP B 130 32.60 -2.91 -10.99
CA ASP B 130 31.19 -3.22 -10.76
C ASP B 130 30.74 -2.41 -9.54
N ASP B 131 31.71 -1.77 -8.88
CA ASP B 131 31.46 -0.97 -7.68
C ASP B 131 30.35 0.08 -7.83
N PRO B 132 30.30 0.77 -8.99
CA PRO B 132 29.27 1.79 -9.25
C PRO B 132 27.81 1.34 -9.26
N ASP B 133 27.50 0.33 -10.06
CA ASP B 133 26.14 -0.15 -10.16
C ASP B 133 25.69 -0.90 -8.91
N ARG B 134 26.62 -1.60 -8.29
CA ARG B 134 26.32 -2.37 -7.10
C ARG B 134 25.98 -1.48 -5.91
N ILE B 135 26.68 -0.37 -5.79
CA ILE B 135 26.44 0.56 -4.69
C ILE B 135 25.22 1.44 -4.94
N LEU B 136 25.05 1.85 -6.19
CA LEU B 136 23.89 2.66 -6.57
C LEU B 136 22.62 1.85 -6.25
N ARG B 137 22.70 0.54 -6.44
CA ARG B 137 21.57 -0.31 -6.16
C ARG B 137 21.37 -0.40 -4.65
N VAL B 138 22.47 -0.49 -3.91
CA VAL B 138 22.39 -0.58 -2.47
C VAL B 138 21.89 0.71 -1.87
N ILE B 139 22.24 1.84 -2.47
CA ILE B 139 21.77 3.10 -1.93
C ILE B 139 20.25 3.10 -2.07
N ILE B 140 19.77 2.57 -3.20
CA ILE B 140 18.34 2.51 -3.42
C ILE B 140 17.69 1.63 -2.36
N GLU B 141 18.26 0.43 -2.18
CA GLU B 141 17.76 -0.56 -1.22
C GLU B 141 17.69 -0.05 0.21
N ILE B 142 18.73 0.67 0.62
CA ILE B 142 18.83 1.21 1.97
C ILE B 142 17.88 2.39 2.22
N SER B 143 17.93 3.40 1.35
CA SER B 143 17.08 4.56 1.48
C SER B 143 15.64 4.16 1.40
N ARG B 144 15.38 3.14 0.60
CA ARG B 144 14.02 2.66 0.37
C ARG B 144 13.50 1.86 1.55
N ALA B 145 14.41 1.24 2.31
CA ALA B 145 14.00 0.45 3.48
C ALA B 145 13.86 1.36 4.71
N GLY B 146 14.54 2.51 4.67
CA GLY B 146 14.46 3.45 5.77
C GLY B 146 13.39 4.49 5.53
N GLY B 147 12.90 4.56 4.29
CA GLY B 147 11.89 5.54 3.93
C GLY B 147 10.48 5.31 4.44
N PRO B 148 9.49 6.09 3.94
CA PRO B 148 8.07 6.03 4.30
C PRO B 148 7.31 4.72 4.01
N GLU B 149 7.81 3.92 3.08
CA GLU B 149 7.18 2.67 2.74
C GLU B 149 7.75 1.53 3.56
N GLY B 150 8.83 1.79 4.29
CA GLY B 150 9.44 0.75 5.10
C GLY B 150 9.49 1.08 6.58
N MET B 151 10.69 1.09 7.13
CA MET B 151 10.90 1.37 8.55
C MET B 151 9.99 2.45 9.11
N ILE B 152 10.02 3.63 8.49
CA ILE B 152 9.20 4.75 8.92
C ILE B 152 7.79 4.25 9.09
N SER B 153 7.35 3.45 8.13
CA SER B 153 6.01 2.91 8.12
C SER B 153 5.73 2.03 9.36
N GLY B 154 6.74 1.29 9.81
CA GLY B 154 6.59 0.44 10.96
C GLY B 154 6.56 1.25 12.23
N LEU B 155 7.44 2.25 12.28
CA LEU B 155 7.52 3.14 13.43
C LEU B 155 6.18 3.82 13.65
N HIS B 156 5.57 4.27 12.55
CA HIS B 156 4.29 4.95 12.64
C HIS B 156 3.19 4.07 13.22
N ARG B 157 2.94 2.91 12.60
CA ARG B 157 1.89 1.99 13.07
C ARG B 157 2.10 1.48 14.48
N GLU B 158 3.35 1.28 14.88
CA GLU B 158 3.65 0.80 16.22
C GLU B 158 2.90 1.63 17.26
N GLU B 159 2.75 2.92 16.99
CA GLU B 159 2.08 3.81 17.93
C GLU B 159 0.57 3.55 18.05
N GLU B 160 0.08 2.51 17.40
CA GLU B 160 -1.35 2.19 17.43
C GLU B 160 -1.62 0.96 18.27
N ILE B 161 -0.55 0.34 18.75
CA ILE B 161 -0.65 -0.86 19.57
C ILE B 161 -1.14 -0.56 20.99
N VAL B 162 -2.39 -0.94 21.28
CA VAL B 162 -3.01 -0.70 22.58
C VAL B 162 -2.51 -1.66 23.66
N ASP B 163 -1.59 -2.55 23.30
CA ASP B 163 -1.05 -3.54 24.23
C ASP B 163 -2.08 -4.63 24.54
N GLY B 164 -2.64 -4.61 25.75
CA GLY B 164 -3.62 -5.61 26.14
C GLY B 164 -4.73 -5.89 25.14
N ASN B 165 -4.91 -5.02 24.15
CA ASN B 165 -5.96 -5.21 23.15
C ASN B 165 -5.46 -5.02 21.72
N THR B 166 -4.50 -5.84 21.30
CA THR B 166 -3.96 -5.78 19.94
C THR B 166 -3.56 -7.16 19.44
N SER B 167 -4.26 -7.65 18.42
CA SER B 167 -4.01 -8.97 17.85
C SER B 167 -2.55 -9.21 17.49
N LEU B 168 -2.19 -10.46 17.29
CA LEU B 168 -0.82 -10.79 16.93
C LEU B 168 -0.65 -10.51 15.44
N ASP B 169 -1.70 -10.70 14.66
CA ASP B 169 -1.59 -10.43 13.24
C ASP B 169 -1.09 -9.02 13.03
N PHE B 170 -1.64 -8.07 13.80
CA PHE B 170 -1.25 -6.66 13.68
C PHE B 170 0.20 -6.46 14.08
N ILE B 171 0.58 -7.00 15.24
CA ILE B 171 1.93 -6.85 15.72
C ILE B 171 2.96 -7.37 14.72
N GLU B 172 2.69 -8.53 14.14
CA GLU B 172 3.61 -9.09 13.18
C GLU B 172 3.84 -8.04 12.07
N TYR B 173 2.75 -7.45 11.56
CA TYR B 173 2.87 -6.45 10.51
C TYR B 173 3.81 -5.36 10.97
N VAL B 174 3.52 -4.75 12.13
CA VAL B 174 4.37 -3.70 12.66
C VAL B 174 5.84 -4.16 12.73
N CYS B 175 6.03 -5.43 13.07
CA CYS B 175 7.38 -5.97 13.15
C CYS B 175 7.96 -6.20 11.76
N LYS B 176 7.10 -6.59 10.82
CA LYS B 176 7.54 -6.83 9.45
C LYS B 176 8.00 -5.52 8.84
N LYS B 177 7.30 -4.45 9.21
CA LYS B 177 7.58 -3.13 8.70
C LYS B 177 8.69 -2.40 9.43
N LYS B 178 8.79 -2.61 10.73
CA LYS B 178 9.82 -1.97 11.55
C LYS B 178 11.18 -2.63 11.42
N TYR B 179 11.20 -3.97 11.44
CA TYR B 179 12.45 -4.73 11.34
C TYR B 179 12.57 -5.50 10.02
N GLY B 180 11.56 -6.32 9.74
CA GLY B 180 11.55 -7.13 8.52
C GLY B 180 12.15 -6.45 7.30
N GLU B 181 11.56 -5.34 6.89
CA GLU B 181 12.02 -4.59 5.73
C GLU B 181 13.53 -4.31 5.79
N MET B 182 14.00 -3.84 6.93
CA MET B 182 15.42 -3.51 7.12
C MET B 182 16.30 -4.76 7.01
N HIS B 183 15.91 -5.83 7.69
CA HIS B 183 16.67 -7.07 7.62
C HIS B 183 16.67 -7.60 6.20
N ALA B 184 15.52 -7.49 5.55
CA ALA B 184 15.41 -7.94 4.17
C ALA B 184 16.48 -7.17 3.42
N CYS B 185 16.40 -5.85 3.50
CA CYS B 185 17.36 -4.95 2.87
C CYS B 185 18.79 -5.42 3.16
N GLY B 186 19.03 -5.75 4.42
CA GLY B 186 20.33 -6.22 4.87
C GLY B 186 20.96 -7.35 4.08
N ALA B 187 20.32 -8.51 4.09
CA ALA B 187 20.82 -9.69 3.37
C ALA B 187 20.88 -9.44 1.86
N ALA B 188 19.86 -8.75 1.37
CA ALA B 188 19.77 -8.42 -0.04
C ALA B 188 21.01 -7.65 -0.46
N CYS B 189 21.35 -6.61 0.30
CA CYS B 189 22.52 -5.80 0.00
C CYS B 189 23.81 -6.59 0.08
N GLY B 190 23.96 -7.34 1.15
CA GLY B 190 25.16 -8.16 1.32
C GLY B 190 25.36 -9.06 0.11
N ALA B 191 24.26 -9.55 -0.47
CA ALA B 191 24.37 -10.42 -1.63
C ALA B 191 24.72 -9.64 -2.90
N ILE B 192 24.11 -8.47 -3.08
CA ILE B 192 24.38 -7.66 -4.26
C ILE B 192 25.85 -7.29 -4.28
N LEU B 193 26.31 -6.68 -3.20
CA LEU B 193 27.71 -6.28 -3.08
C LEU B 193 28.58 -7.55 -3.19
N GLY B 194 28.01 -8.68 -2.80
CA GLY B 194 28.74 -9.91 -2.89
C GLY B 194 29.01 -10.35 -4.33
N GLY B 195 28.06 -10.07 -5.21
CA GLY B 195 28.21 -10.44 -6.60
C GLY B 195 27.24 -11.55 -6.97
N ALA B 196 26.33 -11.82 -6.04
CA ALA B 196 25.31 -12.86 -6.18
C ALA B 196 24.38 -12.59 -7.35
N ALA B 197 23.72 -13.63 -7.83
CA ALA B 197 22.79 -13.51 -8.95
C ALA B 197 21.40 -13.20 -8.40
N GLU B 198 20.51 -12.73 -9.27
CA GLU B 198 19.17 -12.39 -8.85
C GLU B 198 18.51 -13.51 -8.05
N GLU B 199 18.76 -14.75 -8.44
CA GLU B 199 18.19 -15.90 -7.75
C GLU B 199 18.53 -15.83 -6.25
N GLU B 200 19.82 -15.80 -5.92
CA GLU B 200 20.28 -15.76 -4.55
C GLU B 200 19.85 -14.52 -3.80
N ILE B 201 20.05 -13.35 -4.42
CA ILE B 201 19.69 -12.09 -3.81
C ILE B 201 18.27 -12.12 -3.27
N GLN B 202 17.33 -12.62 -4.07
CA GLN B 202 15.94 -12.72 -3.67
C GLN B 202 15.78 -13.67 -2.49
N LYS B 203 16.29 -14.88 -2.63
CA LYS B 203 16.19 -15.87 -1.57
C LYS B 203 16.74 -15.33 -0.26
N LEU B 204 17.89 -14.67 -0.32
CA LEU B 204 18.48 -14.10 0.87
C LEU B 204 17.62 -12.94 1.34
N ARG B 205 16.97 -12.29 0.40
CA ARG B 205 16.12 -11.15 0.73
C ARG B 205 14.87 -11.62 1.48
N ASN B 206 14.30 -12.76 1.08
CA ASN B 206 13.12 -13.29 1.75
C ASN B 206 13.45 -13.75 3.17
N PHE B 207 14.56 -14.47 3.29
CA PHE B 207 15.00 -14.96 4.59
C PHE B 207 15.09 -13.79 5.59
N GLY B 208 15.76 -12.72 5.15
CA GLY B 208 15.91 -11.56 5.99
C GLY B 208 14.56 -11.04 6.42
N LEU B 209 13.63 -10.87 5.48
CA LEU B 209 12.33 -10.38 5.83
C LEU B 209 11.73 -11.16 7.00
N TYR B 210 11.66 -12.48 6.86
CA TYR B 210 11.10 -13.32 7.92
C TYR B 210 11.99 -13.29 9.15
N GLN B 211 13.30 -13.26 8.92
CA GLN B 211 14.27 -13.20 9.99
C GLN B 211 14.08 -11.96 10.86
N GLY B 212 13.96 -10.80 10.22
CA GLY B 212 13.79 -9.56 10.95
C GLY B 212 12.45 -9.46 11.63
N THR B 213 11.43 -10.03 10.99
CA THR B 213 10.08 -10.02 11.52
C THR B 213 9.99 -10.89 12.76
N LEU B 214 10.84 -11.91 12.82
CA LEU B 214 10.90 -12.83 13.94
C LEU B 214 11.69 -12.21 15.08
N ARG B 215 12.78 -11.53 14.73
CA ARG B 215 13.62 -10.89 15.74
C ARG B 215 12.84 -9.83 16.51
N GLY B 216 12.25 -8.88 15.78
CA GLY B 216 11.48 -7.82 16.43
C GLY B 216 10.25 -8.38 17.12
N MET B 217 9.83 -9.56 16.67
CA MET B 217 8.67 -10.22 17.24
C MET B 217 9.11 -10.63 18.64
N MET B 218 10.39 -10.97 18.76
CA MET B 218 10.98 -11.37 20.04
C MET B 218 11.11 -10.13 20.93
N GLU B 219 11.44 -9.00 20.31
CA GLU B 219 11.56 -7.73 21.03
C GLU B 219 10.24 -7.39 21.68
N MET B 220 9.18 -7.47 20.89
CA MET B 220 7.83 -7.16 21.36
C MET B 220 7.42 -8.03 22.55
N LYS B 221 7.61 -9.34 22.42
CA LYS B 221 7.24 -10.27 23.49
C LYS B 221 7.52 -9.70 24.87
N ASN B 222 8.63 -8.97 24.98
CA ASN B 222 9.03 -8.35 26.25
C ASN B 222 7.82 -7.71 26.95
N SER B 223 7.18 -6.75 26.28
CA SER B 223 6.02 -6.07 26.85
C SER B 223 4.81 -7.00 26.84
N HIS B 224 3.77 -6.63 26.09
CA HIS B 224 2.55 -7.44 25.98
C HIS B 224 2.91 -8.92 25.89
N GLN B 225 2.06 -9.79 26.42
CA GLN B 225 2.38 -11.21 26.40
C GLN B 225 1.36 -12.16 25.75
N LEU B 226 1.17 -12.02 24.45
CA LEU B 226 0.28 -12.91 23.70
C LEU B 226 1.28 -13.72 22.88
N ILE B 227 2.46 -13.88 23.49
CA ILE B 227 3.61 -14.59 22.91
C ILE B 227 3.33 -15.99 22.36
N ASP B 228 2.56 -16.02 21.27
CA ASP B 228 2.20 -17.29 20.64
C ASP B 228 3.43 -17.94 20.03
N GLU B 229 3.33 -19.24 19.78
CA GLU B 229 4.43 -20.00 19.21
C GLU B 229 4.05 -20.49 17.82
N ASN B 230 2.75 -20.46 17.52
CA ASN B 230 2.25 -20.88 16.22
C ASN B 230 2.63 -19.84 15.18
N ILE B 231 3.16 -18.72 15.65
CA ILE B 231 3.59 -17.61 14.80
C ILE B 231 5.12 -17.69 14.65
N ILE B 232 5.80 -18.03 15.74
CA ILE B 232 7.25 -18.15 15.71
C ILE B 232 7.61 -19.33 14.82
N GLY B 233 6.74 -20.32 14.79
CA GLY B 233 6.96 -21.49 13.98
C GLY B 233 6.74 -21.16 12.51
N LYS B 234 5.55 -20.65 12.19
CA LYS B 234 5.19 -20.28 10.82
C LYS B 234 6.32 -19.50 10.13
N LEU B 235 6.80 -18.47 10.82
CA LEU B 235 7.88 -17.62 10.30
C LEU B 235 9.17 -18.40 10.00
N LYS B 236 9.70 -19.09 11.01
CA LYS B 236 10.94 -19.84 10.81
C LYS B 236 10.79 -20.89 9.71
N GLU B 237 9.60 -21.46 9.58
CA GLU B 237 9.37 -22.44 8.54
C GLU B 237 9.60 -21.78 7.21
N LEU B 238 8.87 -20.67 6.98
CA LEU B 238 8.98 -19.91 5.75
C LEU B 238 10.39 -19.36 5.56
N ALA B 239 11.07 -19.08 6.67
CA ALA B 239 12.44 -18.57 6.63
C ALA B 239 13.34 -19.67 6.10
N LEU B 240 13.37 -20.79 6.82
CA LEU B 240 14.17 -21.93 6.43
C LEU B 240 13.80 -22.38 5.02
N GLU B 241 12.50 -22.49 4.76
CA GLU B 241 12.04 -22.91 3.43
C GLU B 241 12.63 -22.03 2.34
N GLU B 242 13.15 -20.87 2.74
CA GLU B 242 13.76 -19.93 1.80
C GLU B 242 15.24 -20.25 1.68
N LEU B 243 15.57 -21.54 1.60
CA LEU B 243 16.97 -21.94 1.48
C LEU B 243 17.15 -23.10 0.52
N GLY B 244 16.74 -22.90 -0.72
CA GLY B 244 16.88 -23.94 -1.73
C GLY B 244 18.12 -23.72 -2.58
N GLY B 248 25.79 -25.30 3.47
CA GLY B 248 26.46 -25.94 4.63
C GLY B 248 26.29 -25.15 5.90
N LYS B 249 27.35 -24.50 6.36
CA LYS B 249 27.30 -23.70 7.58
C LYS B 249 26.64 -22.37 7.26
N ASN B 250 27.38 -21.47 6.60
CA ASN B 250 26.84 -20.16 6.24
C ASN B 250 25.54 -20.36 5.46
N ALA B 251 25.42 -21.49 4.76
CA ALA B 251 24.23 -21.80 3.98
C ALA B 251 23.13 -22.37 4.89
N GLU B 252 23.49 -22.73 6.11
CA GLU B 252 22.55 -23.26 7.08
C GLU B 252 22.92 -22.82 8.50
N LEU B 253 23.54 -21.64 8.59
CA LEU B 253 23.95 -21.02 9.84
C LEU B 253 23.02 -19.86 10.06
N MET B 254 22.58 -19.28 8.95
CA MET B 254 21.66 -18.16 9.00
C MET B 254 20.47 -18.70 9.79
N SER B 255 20.37 -20.03 9.82
CA SER B 255 19.30 -20.72 10.54
C SER B 255 19.69 -21.03 11.99
N SER B 256 20.46 -20.13 12.60
CA SER B 256 20.88 -20.29 13.99
C SER B 256 20.13 -19.27 14.83
N LEU B 257 19.59 -18.26 14.15
CA LEU B 257 18.83 -17.21 14.79
C LEU B 257 17.38 -17.65 14.97
N VAL B 258 17.05 -18.79 14.36
CA VAL B 258 15.71 -19.36 14.45
C VAL B 258 15.77 -20.69 15.20
N ALA B 259 16.36 -20.65 16.40
CA ALA B 259 16.50 -21.82 17.25
C ALA B 259 16.80 -21.42 18.69
N MET C 1 -26.18 16.02 -18.80
CA MET C 1 -24.82 15.71 -19.34
C MET C 1 -24.79 15.81 -20.85
N GLN C 2 -23.75 15.24 -21.45
CA GLN C 2 -23.56 15.24 -22.88
C GLN C 2 -24.34 14.10 -23.55
N PRO C 3 -24.95 14.38 -24.71
CA PRO C 3 -25.73 13.43 -25.50
C PRO C 3 -25.10 12.06 -25.75
N TYR C 4 -23.84 12.07 -26.17
CA TYR C 4 -23.17 10.81 -26.46
C TYR C 4 -23.28 9.89 -25.23
N TRP C 5 -22.67 10.32 -24.15
CA TRP C 5 -22.67 9.54 -22.90
C TRP C 5 -24.03 9.12 -22.36
N ALA C 6 -25.05 9.95 -22.52
CA ALA C 6 -26.36 9.57 -22.00
C ALA C 6 -26.91 8.41 -22.82
N ALA C 7 -26.49 8.34 -24.08
CA ALA C 7 -26.95 7.30 -24.98
C ALA C 7 -26.33 5.98 -24.57
N ILE C 8 -25.05 6.03 -24.23
CA ILE C 8 -24.33 4.83 -23.80
C ILE C 8 -24.96 4.34 -22.50
N GLU C 9 -25.16 5.29 -21.59
CA GLU C 9 -25.75 4.99 -20.30
C GLU C 9 -27.12 4.35 -20.46
N ALA C 10 -27.90 4.83 -21.41
CA ALA C 10 -29.23 4.26 -21.65
C ALA C 10 -29.12 2.78 -22.05
N ASP C 11 -28.19 2.48 -22.95
CA ASP C 11 -27.98 1.12 -23.40
C ASP C 11 -27.75 0.17 -22.24
N ILE C 12 -26.80 0.55 -21.38
CA ILE C 12 -26.46 -0.24 -20.21
C ILE C 12 -27.70 -0.48 -19.36
N GLU C 13 -28.55 0.55 -19.22
CA GLU C 13 -29.75 0.35 -18.43
C GLU C 13 -30.62 -0.70 -19.14
N ARG C 14 -30.73 -0.60 -20.47
CA ARG C 14 -31.53 -1.59 -21.19
C ARG C 14 -30.91 -2.97 -21.00
N TYR C 15 -29.61 -3.09 -21.26
CA TYR C 15 -28.95 -4.37 -21.10
C TYR C 15 -29.18 -4.92 -19.69
N LEU C 16 -29.10 -4.06 -18.68
CA LEU C 16 -29.31 -4.49 -17.31
C LEU C 16 -30.73 -4.94 -17.06
N LYS C 17 -31.70 -4.27 -17.70
CA LYS C 17 -33.10 -4.66 -17.50
C LYS C 17 -33.37 -5.96 -18.22
N LYS C 18 -32.62 -6.22 -19.28
CA LYS C 18 -32.80 -7.47 -20.01
C LYS C 18 -32.25 -8.60 -19.13
N SER C 19 -31.13 -8.32 -18.47
CA SER C 19 -30.47 -9.31 -17.63
C SER C 19 -31.10 -9.55 -16.28
N ILE C 20 -31.66 -8.51 -15.67
CA ILE C 20 -32.29 -8.64 -14.37
C ILE C 20 -33.79 -8.60 -14.57
N THR C 21 -34.48 -9.70 -14.28
CA THR C 21 -35.91 -9.78 -14.48
C THR C 21 -36.67 -10.26 -13.23
N ILE C 22 -37.49 -9.36 -12.66
CA ILE C 22 -38.26 -9.72 -11.47
C ILE C 22 -39.02 -11.01 -11.72
N ARG C 23 -39.01 -11.90 -10.73
CA ARG C 23 -39.68 -13.19 -10.85
C ARG C 23 -39.56 -13.95 -9.54
N PRO C 24 -40.34 -15.03 -9.37
CA PRO C 24 -40.27 -15.79 -8.12
C PRO C 24 -38.88 -16.35 -7.87
N PRO C 25 -38.39 -16.23 -6.64
CA PRO C 25 -39.12 -15.58 -5.56
C PRO C 25 -38.97 -14.08 -5.68
N GLU C 26 -40.09 -13.38 -5.83
CA GLU C 26 -40.06 -11.93 -5.97
C GLU C 26 -39.44 -11.28 -4.73
N THR C 27 -39.45 -12.01 -3.62
CA THR C 27 -38.88 -11.51 -2.37
C THR C 27 -37.37 -11.28 -2.55
N VAL C 28 -36.81 -11.96 -3.54
CA VAL C 28 -35.38 -11.87 -3.88
C VAL C 28 -35.14 -10.93 -5.05
N PHE C 29 -35.80 -11.20 -6.17
CA PHE C 29 -35.62 -10.39 -7.36
C PHE C 29 -36.20 -8.98 -7.33
N GLY C 30 -37.13 -8.75 -6.42
CA GLY C 30 -37.70 -7.42 -6.31
C GLY C 30 -36.61 -6.47 -5.87
N PRO C 31 -35.91 -6.79 -4.77
CA PRO C 31 -34.84 -5.96 -4.22
C PRO C 31 -33.61 -5.89 -5.14
N MET C 32 -33.26 -7.02 -5.74
CA MET C 32 -32.11 -7.09 -6.65
C MET C 32 -32.25 -6.14 -7.85
N HIS C 33 -33.48 -5.96 -8.30
CA HIS C 33 -33.81 -5.09 -9.43
C HIS C 33 -33.79 -3.61 -9.01
N HIS C 34 -34.61 -3.30 -8.01
CA HIS C 34 -34.73 -1.95 -7.51
C HIS C 34 -33.39 -1.38 -7.10
N LEU C 35 -32.64 -2.17 -6.33
CA LEU C 35 -31.35 -1.70 -5.89
C LEU C 35 -30.34 -1.53 -7.03
N THR C 36 -30.48 -2.31 -8.09
CA THR C 36 -29.54 -2.15 -9.18
C THR C 36 -29.62 -0.77 -9.81
N PHE C 37 -30.83 -0.31 -10.07
CA PHE C 37 -31.01 0.99 -10.70
C PHE C 37 -31.18 2.11 -9.68
N ALA C 38 -31.08 1.77 -8.41
CA ALA C 38 -31.21 2.77 -7.36
C ALA C 38 -29.84 3.37 -7.13
N ALA C 39 -28.82 2.60 -7.45
CA ALA C 39 -27.47 3.09 -7.29
C ALA C 39 -27.21 4.14 -8.34
N PRO C 40 -26.39 5.13 -8.01
CA PRO C 40 -26.08 6.18 -8.98
C PRO C 40 -25.36 5.60 -10.18
N ALA C 41 -25.49 6.24 -11.33
CA ALA C 41 -24.83 5.79 -12.56
C ALA C 41 -23.32 6.09 -12.45
N THR C 42 -22.47 5.18 -12.94
CA THR C 42 -21.03 5.39 -12.86
C THR C 42 -20.43 5.50 -14.26
N ALA C 43 -19.45 6.38 -14.41
CA ALA C 43 -18.79 6.61 -15.69
C ALA C 43 -17.71 5.58 -15.96
N ALA C 44 -17.46 4.73 -14.98
CA ALA C 44 -16.45 3.71 -15.10
C ALA C 44 -17.07 2.59 -15.93
N SER C 45 -18.39 2.55 -15.92
CA SER C 45 -19.14 1.55 -16.65
C SER C 45 -19.26 1.93 -18.13
N THR C 46 -19.72 3.15 -18.40
CA THR C 46 -19.85 3.63 -19.77
C THR C 46 -18.46 3.86 -20.37
N LEU C 47 -17.48 4.06 -19.49
CA LEU C 47 -16.11 4.31 -19.89
C LEU C 47 -15.54 3.05 -20.52
N CYS C 48 -16.16 1.92 -20.18
CA CYS C 48 -15.75 0.61 -20.68
C CYS C 48 -16.24 0.41 -22.12
N LEU C 49 -17.44 0.90 -22.42
CA LEU C 49 -17.99 0.80 -23.76
C LEU C 49 -17.23 1.75 -24.67
N ALA C 50 -17.03 2.98 -24.20
CA ALA C 50 -16.32 3.99 -24.96
C ALA C 50 -14.86 3.59 -25.19
N ALA C 51 -14.12 3.40 -24.10
CA ALA C 51 -12.71 3.01 -24.21
C ALA C 51 -12.55 1.90 -25.22
N CYS C 52 -13.53 1.00 -25.28
CA CYS C 52 -13.50 -0.11 -26.21
C CYS C 52 -13.46 0.39 -27.65
N GLU C 53 -14.37 1.27 -28.03
CA GLU C 53 -14.39 1.78 -29.39
C GLU C 53 -13.09 2.48 -29.75
N LEU C 54 -12.60 3.31 -28.85
CA LEU C 54 -11.38 4.07 -29.08
C LEU C 54 -10.20 3.25 -29.61
N VAL C 55 -10.10 2.00 -29.17
CA VAL C 55 -9.01 1.13 -29.59
C VAL C 55 -9.36 0.26 -30.80
N GLY C 56 -10.59 0.36 -31.29
CA GLY C 56 -10.99 -0.43 -32.45
C GLY C 56 -12.28 -1.21 -32.28
N GLY C 57 -12.26 -2.23 -31.43
CA GLY C 57 -13.41 -3.09 -31.18
C GLY C 57 -14.77 -2.43 -31.06
N ASP C 58 -15.81 -3.26 -31.04
CA ASP C 58 -17.18 -2.78 -30.93
C ASP C 58 -17.66 -2.74 -29.48
N ARG C 59 -18.62 -1.87 -29.20
CA ARG C 59 -19.13 -1.74 -27.85
C ARG C 59 -19.77 -3.02 -27.33
N SER C 60 -20.72 -3.56 -28.09
CA SER C 60 -21.43 -4.77 -27.69
C SER C 60 -20.53 -5.78 -26.97
N GLN C 61 -19.26 -5.81 -27.35
CA GLN C 61 -18.30 -6.73 -26.72
C GLN C 61 -18.10 -6.44 -25.24
N ALA C 62 -18.02 -5.16 -24.90
CA ALA C 62 -17.80 -4.73 -23.54
C ALA C 62 -19.06 -4.54 -22.71
N MET C 63 -20.22 -4.76 -23.30
CA MET C 63 -21.46 -4.60 -22.57
C MET C 63 -21.55 -5.45 -21.31
N ALA C 64 -21.06 -6.68 -21.38
CA ALA C 64 -21.12 -7.58 -20.23
C ALA C 64 -20.34 -7.03 -19.05
N ALA C 65 -19.11 -6.60 -19.31
CA ALA C 65 -18.27 -6.06 -18.26
C ALA C 65 -18.84 -4.76 -17.73
N ALA C 66 -19.18 -3.85 -18.65
CA ALA C 66 -19.75 -2.56 -18.25
C ALA C 66 -20.90 -2.79 -17.27
N ALA C 67 -21.68 -3.83 -17.53
CA ALA C 67 -22.82 -4.18 -16.69
C ALA C 67 -22.35 -4.69 -15.31
N ALA C 68 -21.31 -5.52 -15.33
CA ALA C 68 -20.79 -6.05 -14.09
C ALA C 68 -20.19 -4.89 -13.28
N ILE C 69 -19.50 -3.99 -13.97
CA ILE C 69 -18.88 -2.85 -13.31
C ILE C 69 -19.91 -1.98 -12.62
N HIS C 70 -21.08 -1.83 -13.23
CA HIS C 70 -22.11 -1.04 -12.57
C HIS C 70 -22.66 -1.78 -11.36
N LEU C 71 -22.87 -3.08 -11.51
CA LEU C 71 -23.39 -3.93 -10.46
C LEU C 71 -22.48 -4.00 -9.23
N VAL C 72 -21.18 -4.14 -9.45
CA VAL C 72 -20.24 -4.19 -8.34
C VAL C 72 -20.31 -2.85 -7.64
N HIS C 73 -20.48 -1.79 -8.41
CA HIS C 73 -20.57 -0.44 -7.86
C HIS C 73 -21.89 -0.32 -7.09
N ALA C 74 -22.97 -0.77 -7.71
CA ALA C 74 -24.28 -0.70 -7.08
C ALA C 74 -24.20 -1.35 -5.71
N ALA C 75 -23.63 -2.53 -5.66
CA ALA C 75 -23.50 -3.28 -4.42
C ALA C 75 -22.82 -2.45 -3.36
N ALA C 76 -21.70 -1.86 -3.72
CA ALA C 76 -20.93 -1.03 -2.79
C ALA C 76 -21.72 0.18 -2.33
N TYR C 77 -22.49 0.76 -3.24
CA TYR C 77 -23.28 1.93 -2.91
C TYR C 77 -24.30 1.60 -1.83
N VAL C 78 -25.00 0.50 -2.04
CA VAL C 78 -26.03 0.07 -1.11
C VAL C 78 -25.45 -0.19 0.27
N HIS C 79 -24.27 -0.79 0.30
CA HIS C 79 -23.64 -1.11 1.56
C HIS C 79 -23.15 0.10 2.33
N GLU C 80 -22.60 1.09 1.64
CA GLU C 80 -22.09 2.26 2.34
C GLU C 80 -23.21 3.10 2.96
N HIS C 81 -24.43 2.89 2.51
CA HIS C 81 -25.58 3.61 3.05
C HIS C 81 -26.38 2.74 3.99
N LEU C 82 -25.79 1.62 4.38
CA LEU C 82 -26.43 0.69 5.30
C LEU C 82 -26.56 1.28 6.71
N PRO C 83 -27.76 1.21 7.29
CA PRO C 83 -28.00 1.74 8.63
C PRO C 83 -27.21 0.94 9.65
N LEU C 84 -26.13 1.51 10.18
CA LEU C 84 -25.33 0.80 11.16
C LEU C 84 -25.68 1.20 12.58
N THR C 85 -26.26 0.25 13.30
CA THR C 85 -26.73 0.43 14.66
C THR C 85 -25.69 0.79 15.74
N ASP C 86 -24.47 0.25 15.64
CA ASP C 86 -23.46 0.54 16.65
C ASP C 86 -22.62 1.78 16.39
N GLY C 87 -23.03 2.62 15.45
CA GLY C 87 -22.27 3.81 15.15
C GLY C 87 -20.84 3.49 14.74
N SER C 88 -20.66 2.36 14.07
CA SER C 88 -19.35 1.94 13.60
C SER C 88 -18.80 3.02 12.66
N ARG C 89 -19.54 3.28 11.59
CA ARG C 89 -19.16 4.31 10.61
C ARG C 89 -19.76 5.64 11.06
N PRO C 90 -19.05 6.76 10.83
CA PRO C 90 -19.61 8.03 11.26
C PRO C 90 -20.97 8.24 10.61
N VAL C 91 -22.03 8.15 11.43
CA VAL C 91 -23.38 8.34 10.91
C VAL C 91 -23.37 9.68 10.21
N SER C 92 -23.25 9.64 8.88
CA SER C 92 -23.19 10.84 8.07
C SER C 92 -24.57 11.35 7.69
N LYS C 93 -24.63 12.65 7.37
CA LYS C 93 -25.85 13.32 6.97
C LYS C 93 -26.60 12.62 5.83
N PRO C 94 -25.91 12.17 4.76
CA PRO C 94 -26.53 11.49 3.62
C PRO C 94 -27.99 11.04 3.81
N ALA C 95 -28.19 10.07 4.68
CA ALA C 95 -29.53 9.55 4.98
C ALA C 95 -30.43 9.45 3.74
N ILE C 96 -29.94 8.77 2.71
CA ILE C 96 -30.71 8.61 1.49
C ILE C 96 -31.99 7.82 1.81
N GLN C 97 -32.88 7.73 0.83
CA GLN C 97 -34.13 6.99 1.01
C GLN C 97 -33.93 5.48 0.94
N HIS C 98 -34.54 4.73 1.86
CA HIS C 98 -34.40 3.26 1.88
C HIS C 98 -35.71 2.48 1.71
N LYS C 99 -35.94 1.94 0.52
CA LYS C 99 -37.15 1.17 0.25
C LYS C 99 -37.22 -0.13 1.04
N TYR C 100 -36.10 -0.84 1.14
CA TYR C 100 -36.04 -2.11 1.87
C TYR C 100 -35.25 -1.96 3.18
N GLY C 101 -35.49 -2.89 4.10
CA GLY C 101 -34.79 -2.83 5.37
C GLY C 101 -33.34 -3.22 5.26
N PRO C 102 -32.54 -2.98 6.30
CA PRO C 102 -31.10 -3.30 6.32
C PRO C 102 -30.74 -4.70 5.85
N ASN C 103 -31.36 -5.74 6.42
CA ASN C 103 -31.01 -7.11 6.05
C ASN C 103 -31.08 -7.40 4.55
N VAL C 104 -32.21 -7.11 3.95
CA VAL C 104 -32.40 -7.35 2.52
C VAL C 104 -31.43 -6.55 1.67
N GLU C 105 -31.01 -5.38 2.16
CA GLU C 105 -30.07 -4.55 1.42
C GLU C 105 -28.71 -5.20 1.54
N LEU C 106 -28.28 -5.41 2.77
CA LEU C 106 -27.00 -6.06 3.00
C LEU C 106 -26.89 -7.28 2.07
N LEU C 107 -27.88 -8.16 2.15
CA LEU C 107 -27.90 -9.39 1.37
C LEU C 107 -27.94 -9.22 -0.15
N THR C 108 -28.84 -8.39 -0.67
CA THR C 108 -28.96 -8.21 -2.11
C THR C 108 -27.64 -7.72 -2.71
N GLY C 109 -26.93 -6.89 -1.96
CA GLY C 109 -25.66 -6.37 -2.44
C GLY C 109 -24.71 -7.53 -2.61
N ASP C 110 -24.85 -8.54 -1.76
CA ASP C 110 -24.00 -9.71 -1.85
C ASP C 110 -24.48 -10.55 -3.02
N GLY C 111 -25.66 -10.21 -3.54
CA GLY C 111 -26.22 -10.96 -4.65
C GLY C 111 -26.00 -10.23 -5.96
N ILE C 112 -25.77 -8.93 -5.85
CA ILE C 112 -25.49 -8.08 -7.00
C ILE C 112 -24.15 -8.45 -7.58
N VAL C 113 -23.14 -8.43 -6.72
CA VAL C 113 -21.75 -8.73 -7.10
C VAL C 113 -21.53 -10.01 -7.87
N PRO C 114 -21.83 -11.17 -7.27
CA PRO C 114 -21.61 -12.39 -8.02
C PRO C 114 -22.28 -12.35 -9.39
N PHE C 115 -23.42 -11.66 -9.49
CA PHE C 115 -24.15 -11.56 -10.73
C PHE C 115 -23.33 -10.85 -11.78
N GLY C 116 -22.43 -9.99 -11.34
CA GLY C 116 -21.59 -9.27 -12.27
C GLY C 116 -20.72 -10.28 -12.98
N PHE C 117 -20.25 -11.26 -12.22
CA PHE C 117 -19.39 -12.27 -12.81
C PHE C 117 -20.17 -13.33 -13.54
N GLU C 118 -21.45 -13.45 -13.23
CA GLU C 118 -22.25 -14.44 -13.90
C GLU C 118 -22.46 -13.96 -15.31
N LEU C 119 -22.76 -12.68 -15.45
CA LEU C 119 -22.97 -12.10 -16.76
C LEU C 119 -21.71 -12.26 -17.61
N LEU C 120 -20.55 -12.06 -16.99
CA LEU C 120 -19.27 -12.19 -17.67
C LEU C 120 -18.99 -13.61 -18.13
N ALA C 121 -19.09 -14.55 -17.20
CA ALA C 121 -18.85 -15.95 -17.52
C ALA C 121 -19.80 -16.43 -18.61
N GLY C 122 -20.99 -15.87 -18.64
CA GLY C 122 -21.98 -16.27 -19.62
C GLY C 122 -21.87 -15.51 -20.93
N SER C 123 -21.11 -14.42 -20.93
CA SER C 123 -20.94 -13.61 -22.13
C SER C 123 -20.01 -14.32 -23.12
N VAL C 124 -19.34 -15.37 -22.65
CA VAL C 124 -18.41 -16.14 -23.48
C VAL C 124 -19.08 -16.68 -24.75
N ASP C 125 -18.60 -16.22 -25.90
CA ASP C 125 -19.15 -16.64 -27.19
C ASP C 125 -18.28 -17.76 -27.81
N PRO C 126 -18.90 -18.90 -28.16
CA PRO C 126 -18.20 -20.04 -28.76
C PRO C 126 -17.43 -19.70 -30.04
N ALA C 127 -17.95 -18.74 -30.80
CA ALA C 127 -17.32 -18.31 -32.06
C ALA C 127 -16.24 -17.26 -31.84
N ARG C 128 -15.58 -17.31 -30.68
CA ARG C 128 -14.51 -16.37 -30.33
C ARG C 128 -13.36 -17.15 -29.69
N THR C 129 -12.14 -16.88 -30.16
CA THR C 129 -10.96 -17.56 -29.64
C THR C 129 -10.48 -16.92 -28.34
N ASP C 130 -10.28 -15.60 -28.38
CA ASP C 130 -9.78 -14.83 -27.24
C ASP C 130 -10.78 -14.56 -26.12
N ASP C 131 -12.06 -14.74 -26.41
CA ASP C 131 -13.12 -14.51 -25.42
C ASP C 131 -12.75 -14.98 -24.01
N PRO C 132 -12.32 -16.23 -23.86
CA PRO C 132 -11.95 -16.73 -22.53
C PRO C 132 -10.78 -16.00 -21.89
N ASP C 133 -9.84 -15.54 -22.69
CA ASP C 133 -8.69 -14.85 -22.15
C ASP C 133 -8.97 -13.42 -21.71
N ARG C 134 -9.79 -12.70 -22.46
CA ARG C 134 -10.09 -11.31 -22.10
C ARG C 134 -11.07 -11.26 -20.94
N ILE C 135 -12.08 -12.13 -20.97
CA ILE C 135 -13.09 -12.18 -19.92
C ILE C 135 -12.47 -12.66 -18.62
N LEU C 136 -11.36 -13.39 -18.71
CA LEU C 136 -10.70 -13.86 -17.51
C LEU C 136 -9.90 -12.70 -16.92
N ARG C 137 -9.25 -11.95 -17.81
CA ARG C 137 -8.44 -10.80 -17.41
C ARG C 137 -9.33 -9.70 -16.81
N VAL C 138 -10.47 -9.47 -17.46
CA VAL C 138 -11.43 -8.48 -17.01
C VAL C 138 -12.04 -8.84 -15.66
N ILE C 139 -12.28 -10.13 -15.46
CA ILE C 139 -12.86 -10.60 -14.21
C ILE C 139 -11.89 -10.26 -13.09
N ILE C 140 -10.61 -10.26 -13.42
CA ILE C 140 -9.59 -9.95 -12.43
C ILE C 140 -9.54 -8.46 -12.13
N GLU C 141 -9.61 -7.65 -13.18
CA GLU C 141 -9.59 -6.20 -13.01
C GLU C 141 -10.76 -5.79 -12.13
N ILE C 142 -11.93 -6.34 -12.44
CA ILE C 142 -13.13 -6.01 -11.70
C ILE C 142 -13.04 -6.45 -10.24
N SER C 143 -12.79 -7.73 -10.03
CA SER C 143 -12.67 -8.26 -8.67
C SER C 143 -11.61 -7.47 -7.87
N ARG C 144 -10.49 -7.12 -8.50
CA ARG C 144 -9.44 -6.35 -7.83
C ARG C 144 -9.95 -4.93 -7.60
N ALA C 145 -10.54 -4.37 -8.64
CA ALA C 145 -11.06 -3.03 -8.53
C ALA C 145 -12.04 -3.01 -7.36
N GLY C 146 -12.91 -4.02 -7.32
CA GLY C 146 -13.88 -4.10 -6.23
C GLY C 146 -13.27 -4.67 -4.97
N GLY C 147 -12.00 -5.06 -5.04
CA GLY C 147 -11.34 -5.64 -3.88
C GLY C 147 -11.11 -4.77 -2.67
N PRO C 148 -10.37 -5.27 -1.67
CA PRO C 148 -10.02 -4.62 -0.41
C PRO C 148 -8.91 -3.59 -0.57
N GLU C 149 -8.29 -3.60 -1.74
CA GLU C 149 -7.21 -2.68 -2.05
C GLU C 149 -7.71 -1.75 -3.12
N GLY C 150 -9.01 -1.86 -3.39
CA GLY C 150 -9.62 -1.02 -4.38
C GLY C 150 -10.71 -0.21 -3.68
N MET C 151 -11.88 -0.21 -4.29
CA MET C 151 -13.07 0.48 -3.80
C MET C 151 -13.27 0.41 -2.28
N ILE C 152 -12.98 -0.75 -1.71
CA ILE C 152 -13.15 -0.96 -0.28
C ILE C 152 -12.19 -0.13 0.55
N SER C 153 -11.00 0.13 0.05
CA SER C 153 -10.06 0.98 0.78
C SER C 153 -10.65 2.39 0.85
N GLY C 154 -11.15 2.85 -0.28
CA GLY C 154 -11.75 4.17 -0.37
C GLY C 154 -12.90 4.34 0.60
N LEU C 155 -13.77 3.32 0.67
CA LEU C 155 -14.92 3.34 1.56
C LEU C 155 -14.44 3.33 3.01
N HIS C 156 -13.45 2.49 3.30
CA HIS C 156 -12.91 2.39 4.66
C HIS C 156 -12.37 3.74 5.13
N ARG C 157 -11.39 4.29 4.41
CA ARG C 157 -10.77 5.58 4.74
C ARG C 157 -11.73 6.76 4.75
N GLU C 158 -12.77 6.67 3.92
CA GLU C 158 -13.76 7.75 3.83
C GLU C 158 -14.40 8.04 5.17
N GLU C 159 -14.65 6.98 5.94
CA GLU C 159 -15.26 7.17 7.25
C GLU C 159 -14.40 8.09 8.10
N GLU C 160 -13.09 8.05 7.87
CA GLU C 160 -12.13 8.87 8.62
C GLU C 160 -12.29 10.37 8.39
N ILE C 161 -13.15 10.73 7.44
CA ILE C 161 -13.38 12.14 7.12
C ILE C 161 -14.35 12.79 8.10
N VAL C 162 -14.05 14.04 8.44
CA VAL C 162 -14.88 14.82 9.36
C VAL C 162 -15.20 16.17 8.71
N ASP C 163 -16.39 16.27 8.12
CA ASP C 163 -16.86 17.48 7.43
C ASP C 163 -15.79 18.30 6.75
N GLY C 164 -15.80 19.61 6.99
CA GLY C 164 -14.82 20.49 6.38
C GLY C 164 -13.58 20.70 7.21
N ASN C 165 -13.02 19.61 7.73
CA ASN C 165 -11.82 19.67 8.54
C ASN C 165 -10.85 18.56 8.13
N THR C 166 -10.79 18.31 6.82
CA THR C 166 -9.93 17.28 6.23
C THR C 166 -9.30 17.85 4.95
N SER C 167 -8.00 17.66 4.80
CA SER C 167 -7.26 18.16 3.64
C SER C 167 -7.82 17.74 2.29
N LEU C 168 -7.43 18.47 1.25
CA LEU C 168 -7.85 18.14 -0.10
C LEU C 168 -7.10 16.88 -0.50
N ASP C 169 -5.84 16.81 -0.07
CA ASP C 169 -5.01 15.66 -0.39
C ASP C 169 -5.68 14.37 0.05
N PHE C 170 -6.07 14.30 1.32
CA PHE C 170 -6.71 13.09 1.88
C PHE C 170 -7.98 12.77 1.12
N ILE C 171 -8.83 13.78 0.96
CA ILE C 171 -10.07 13.61 0.24
C ILE C 171 -9.77 13.12 -1.18
N GLU C 172 -8.73 13.67 -1.81
CA GLU C 172 -8.37 13.26 -3.16
C GLU C 172 -7.94 11.79 -3.17
N TYR C 173 -7.31 11.34 -2.09
CA TYR C 173 -6.90 9.95 -2.04
C TYR C 173 -8.14 9.09 -2.02
N VAL C 174 -9.10 9.45 -1.18
CA VAL C 174 -10.34 8.70 -1.04
C VAL C 174 -11.07 8.55 -2.38
N CYS C 175 -11.18 9.65 -3.12
CA CYS C 175 -11.85 9.59 -4.41
C CYS C 175 -11.05 8.71 -5.36
N LYS C 176 -9.73 8.76 -5.24
CA LYS C 176 -8.89 7.96 -6.11
C LYS C 176 -9.16 6.47 -5.87
N LYS C 177 -9.40 6.12 -4.60
CA LYS C 177 -9.67 4.74 -4.26
C LYS C 177 -11.12 4.35 -4.53
N LYS C 178 -12.03 5.18 -4.04
CA LYS C 178 -13.45 4.94 -4.20
C LYS C 178 -13.88 5.08 -5.66
N TYR C 179 -13.34 6.07 -6.38
CA TYR C 179 -13.76 6.25 -7.78
C TYR C 179 -12.72 5.95 -8.84
N GLY C 180 -11.53 6.53 -8.69
CA GLY C 180 -10.50 6.31 -9.69
C GLY C 180 -10.19 4.85 -9.97
N GLU C 181 -9.96 4.09 -8.90
CA GLU C 181 -9.65 2.68 -9.06
C GLU C 181 -10.66 1.95 -9.94
N MET C 182 -11.95 2.21 -9.77
CA MET C 182 -12.96 1.54 -10.58
C MET C 182 -13.04 2.08 -12.00
N HIS C 183 -12.91 3.40 -12.11
CA HIS C 183 -12.94 4.03 -13.41
C HIS C 183 -11.78 3.54 -14.26
N ALA C 184 -10.59 3.52 -13.67
CA ALA C 184 -9.40 3.07 -14.34
C ALA C 184 -9.63 1.65 -14.84
N CYS C 185 -10.36 0.89 -14.04
CA CYS C 185 -10.67 -0.49 -14.37
C CYS C 185 -11.54 -0.55 -15.62
N GLY C 186 -12.49 0.35 -15.71
CA GLY C 186 -13.40 0.39 -16.84
C GLY C 186 -12.77 0.79 -18.16
N ALA C 187 -11.73 1.60 -18.10
CA ALA C 187 -11.06 2.01 -19.31
C ALA C 187 -10.19 0.84 -19.77
N ALA C 188 -9.57 0.16 -18.80
CA ALA C 188 -8.72 -0.98 -19.11
C ALA C 188 -9.58 -2.08 -19.71
N CYS C 189 -10.55 -2.54 -18.93
CA CYS C 189 -11.45 -3.58 -19.37
C CYS C 189 -11.98 -3.32 -20.77
N GLY C 190 -12.48 -2.11 -21.00
CA GLY C 190 -12.98 -1.76 -22.30
C GLY C 190 -11.88 -1.95 -23.31
N ALA C 191 -10.71 -1.38 -23.03
CA ALA C 191 -9.57 -1.51 -23.91
C ALA C 191 -9.34 -2.98 -24.20
N ILE C 192 -8.95 -3.73 -23.17
CA ILE C 192 -8.70 -5.15 -23.27
C ILE C 192 -9.72 -5.84 -24.16
N LEU C 193 -10.99 -5.69 -23.81
CA LEU C 193 -12.07 -6.29 -24.57
C LEU C 193 -12.02 -5.92 -26.05
N GLY C 194 -11.74 -4.65 -26.32
CA GLY C 194 -11.66 -4.17 -27.69
C GLY C 194 -10.48 -4.80 -28.41
N GLY C 195 -9.66 -5.53 -27.69
CA GLY C 195 -8.51 -6.17 -28.29
C GLY C 195 -7.28 -5.29 -28.35
N ALA C 196 -7.36 -4.14 -27.69
CA ALA C 196 -6.26 -3.18 -27.65
C ALA C 196 -4.91 -3.79 -27.30
N ALA C 197 -3.88 -2.94 -27.26
CA ALA C 197 -2.53 -3.39 -26.94
C ALA C 197 -1.96 -2.66 -25.73
N GLU C 198 -1.30 -3.42 -24.86
CA GLU C 198 -0.69 -2.90 -23.64
C GLU C 198 -0.59 -1.39 -23.58
N GLU C 199 0.40 -0.82 -24.26
CA GLU C 199 0.62 0.62 -24.27
C GLU C 199 -0.69 1.41 -24.28
N GLU C 200 -1.66 0.97 -25.07
CA GLU C 200 -2.94 1.65 -25.14
C GLU C 200 -3.69 1.44 -23.83
N ILE C 201 -3.85 0.17 -23.45
CA ILE C 201 -4.53 -0.19 -22.21
C ILE C 201 -4.02 0.70 -21.09
N GLN C 202 -2.73 0.53 -20.79
CA GLN C 202 -2.07 1.30 -19.74
C GLN C 202 -2.49 2.76 -19.74
N LYS C 203 -2.56 3.35 -20.92
CA LYS C 203 -2.95 4.75 -21.03
C LYS C 203 -4.40 4.90 -20.61
N LEU C 204 -5.31 4.26 -21.34
CA LEU C 204 -6.73 4.33 -21.01
C LEU C 204 -6.92 4.13 -19.50
N ARG C 205 -6.18 3.17 -18.94
CA ARG C 205 -6.25 2.90 -17.52
C ARG C 205 -5.97 4.17 -16.75
N ASN C 206 -4.78 4.73 -16.97
CA ASN C 206 -4.37 5.97 -16.30
C ASN C 206 -5.39 7.07 -16.50
N PHE C 207 -5.95 7.13 -17.70
CA PHE C 207 -6.95 8.13 -18.01
C PHE C 207 -8.12 7.93 -17.05
N GLY C 208 -8.70 6.73 -17.06
CA GLY C 208 -9.80 6.44 -16.16
C GLY C 208 -9.46 6.82 -14.73
N LEU C 209 -8.32 6.36 -14.25
CA LEU C 209 -7.91 6.67 -12.89
C LEU C 209 -8.08 8.15 -12.58
N TYR C 210 -7.53 8.97 -13.47
CA TYR C 210 -7.58 10.43 -13.32
C TYR C 210 -9.00 10.95 -13.46
N GLN C 211 -9.67 10.55 -14.51
CA GLN C 211 -11.05 10.98 -14.77
C GLN C 211 -11.93 10.56 -13.59
N GLY C 212 -11.72 9.34 -13.11
CA GLY C 212 -12.48 8.83 -11.99
C GLY C 212 -12.27 9.69 -10.75
N THR C 213 -11.03 10.03 -10.48
CA THR C 213 -10.75 10.86 -9.33
C THR C 213 -11.35 12.27 -9.51
N LEU C 214 -11.19 12.84 -10.70
CA LEU C 214 -11.75 14.18 -10.95
C LEU C 214 -13.25 14.15 -10.72
N ARG C 215 -13.90 13.09 -11.20
CA ARG C 215 -15.34 12.95 -11.03
C ARG C 215 -15.68 12.83 -9.53
N GLY C 216 -14.86 12.08 -8.79
CA GLY C 216 -15.10 11.95 -7.37
C GLY C 216 -15.06 13.30 -6.67
N MET C 217 -13.98 14.05 -6.89
CA MET C 217 -13.81 15.37 -6.27
C MET C 217 -14.99 16.29 -6.61
N MET C 218 -15.50 16.17 -7.84
CA MET C 218 -16.62 17.00 -8.32
C MET C 218 -17.89 16.77 -7.50
N GLU C 219 -18.04 15.56 -6.95
CA GLU C 219 -19.20 15.25 -6.14
C GLU C 219 -18.83 15.37 -4.67
N MET C 220 -17.54 15.61 -4.42
CA MET C 220 -17.05 15.79 -3.06
C MET C 220 -16.89 17.29 -2.90
N LYS C 221 -17.43 18.03 -3.86
CA LYS C 221 -17.40 19.47 -3.87
C LYS C 221 -18.59 19.97 -3.06
N ASN C 222 -19.78 19.56 -3.46
CA ASN C 222 -21.00 19.96 -2.76
C ASN C 222 -20.92 19.61 -1.28
N SER C 223 -20.23 18.52 -0.97
CA SER C 223 -20.04 18.06 0.41
C SER C 223 -19.36 19.14 1.24
N HIS C 224 -18.60 20.00 0.56
CA HIS C 224 -17.89 21.13 1.16
C HIS C 224 -17.01 21.82 0.13
N GLN C 225 -17.52 22.93 -0.42
CA GLN C 225 -16.82 23.70 -1.43
C GLN C 225 -15.54 24.36 -0.91
N LEU C 226 -14.43 24.01 -1.54
CA LEU C 226 -13.11 24.54 -1.21
C LEU C 226 -12.15 24.03 -2.27
N ILE C 227 -12.66 23.16 -3.12
CA ILE C 227 -11.86 22.59 -4.18
C ILE C 227 -11.50 23.65 -5.21
N ASP C 228 -10.42 24.38 -4.92
CA ASP C 228 -9.96 25.42 -5.83
C ASP C 228 -9.84 24.80 -7.20
N GLU C 229 -9.83 25.63 -8.23
CA GLU C 229 -9.74 25.11 -9.58
C GLU C 229 -8.39 24.45 -9.84
N ASN C 230 -7.49 24.53 -8.87
CA ASN C 230 -6.15 23.95 -8.99
C ASN C 230 -6.19 22.41 -9.00
N ILE C 231 -6.77 21.84 -7.96
CA ILE C 231 -6.87 20.38 -7.84
C ILE C 231 -7.60 19.80 -9.04
N ILE C 232 -8.67 20.47 -9.45
CA ILE C 232 -9.45 20.03 -10.60
C ILE C 232 -8.60 20.05 -11.87
N GLY C 233 -8.07 21.21 -12.21
CA GLY C 233 -7.23 21.32 -13.39
C GLY C 233 -6.08 20.33 -13.35
N LYS C 234 -5.41 20.24 -12.21
CA LYS C 234 -4.28 19.31 -12.06
C LYS C 234 -4.74 17.96 -12.56
N LEU C 235 -5.94 17.57 -12.15
CA LEU C 235 -6.51 16.29 -12.57
C LEU C 235 -6.94 16.38 -14.03
N LYS C 236 -7.81 17.34 -14.33
CA LYS C 236 -8.32 17.57 -15.67
C LYS C 236 -7.17 17.41 -16.64
N GLU C 237 -6.06 18.08 -16.31
CA GLU C 237 -4.85 18.02 -17.11
C GLU C 237 -4.41 16.57 -17.13
N LEU C 238 -3.70 16.15 -16.09
CA LEU C 238 -3.18 14.79 -15.93
C LEU C 238 -3.83 13.68 -16.76
N ALA C 239 -5.13 13.76 -16.98
CA ALA C 239 -5.80 12.73 -17.77
C ALA C 239 -5.65 12.90 -19.28
N LEU C 240 -5.81 14.14 -19.74
CA LEU C 240 -5.71 14.44 -21.17
C LEU C 240 -4.39 14.01 -21.77
N GLU C 241 -3.28 14.37 -21.13
CA GLU C 241 -1.97 14.00 -21.64
C GLU C 241 -1.95 12.52 -22.02
N GLU C 242 -2.48 11.70 -21.13
CA GLU C 242 -2.53 10.27 -21.36
C GLU C 242 -3.13 9.99 -22.73
N LEU C 243 -4.22 10.68 -23.05
CA LEU C 243 -4.89 10.49 -24.34
C LEU C 243 -4.03 10.83 -25.56
N GLY C 244 -2.83 11.36 -25.33
CA GLY C 244 -1.98 11.70 -26.45
C GLY C 244 -1.67 10.47 -27.28
N GLY C 245 -2.26 10.35 -28.46
CA GLY C 245 -2.01 9.20 -29.31
C GLY C 245 -3.25 8.49 -29.82
N PHE C 246 -4.43 9.03 -29.49
CA PHE C 246 -5.69 8.46 -29.90
C PHE C 246 -6.41 9.49 -30.76
N HIS C 247 -6.58 9.20 -32.03
CA HIS C 247 -7.25 10.14 -32.93
C HIS C 247 -8.53 9.57 -33.52
N GLY C 248 -9.47 10.46 -33.83
CA GLY C 248 -10.73 10.05 -34.41
C GLY C 248 -11.93 10.87 -33.95
N LYS C 249 -13.11 10.47 -34.43
CA LYS C 249 -14.36 11.14 -34.06
C LYS C 249 -14.75 10.66 -32.67
N ASN C 250 -14.17 9.52 -32.28
CA ASN C 250 -14.41 8.92 -30.97
C ASN C 250 -13.36 9.45 -30.00
N ALA C 251 -12.10 9.34 -30.42
CA ALA C 251 -10.98 9.80 -29.62
C ALA C 251 -11.15 11.20 -29.05
N GLU C 252 -11.97 12.03 -29.69
CA GLU C 252 -12.16 13.38 -29.17
C GLU C 252 -13.32 13.40 -28.20
N LEU C 253 -14.20 12.42 -28.32
CA LEU C 253 -15.35 12.32 -27.42
C LEU C 253 -14.81 12.00 -26.03
N MET C 254 -13.95 10.98 -25.97
CA MET C 254 -13.36 10.57 -24.72
C MET C 254 -12.82 11.83 -24.03
N SER C 255 -12.03 12.59 -24.77
CA SER C 255 -11.45 13.82 -24.27
C SER C 255 -12.53 14.77 -23.78
N SER C 256 -13.74 14.61 -24.29
CA SER C 256 -14.85 15.48 -23.91
C SER C 256 -15.37 15.19 -22.49
N LEU C 257 -15.23 13.94 -22.05
CA LEU C 257 -15.69 13.53 -20.73
C LEU C 257 -15.00 14.32 -19.61
N VAL C 258 -13.76 14.73 -19.87
CA VAL C 258 -12.97 15.48 -18.89
C VAL C 258 -12.92 16.97 -19.20
N ALA C 259 -13.36 17.36 -20.39
CA ALA C 259 -13.36 18.76 -20.81
C ALA C 259 -14.79 19.25 -21.07
N MET D 1 -8.57 -50.37 3.80
CA MET D 1 -9.18 -49.50 4.84
C MET D 1 -8.87 -48.05 4.57
N PHE D 2 -9.75 -47.16 5.00
CA PHE D 2 -9.58 -45.72 4.80
C PHE D 2 -9.63 -44.96 6.12
N ASP D 3 -8.64 -44.10 6.36
CA ASP D 3 -8.59 -43.30 7.58
C ASP D 3 -9.13 -41.90 7.30
N PHE D 4 -10.41 -41.68 7.60
CA PHE D 4 -11.08 -40.41 7.38
C PHE D 4 -10.54 -39.28 8.26
N ASP D 5 -10.51 -39.50 9.57
CA ASP D 5 -10.02 -38.49 10.50
C ASP D 5 -8.70 -37.91 10.03
N GLY D 6 -7.85 -38.78 9.50
CA GLY D 6 -6.55 -38.34 9.01
C GLY D 6 -6.60 -37.63 7.67
N TYR D 7 -7.26 -38.27 6.70
CA TYR D 7 -7.37 -37.69 5.38
C TYR D 7 -7.82 -36.25 5.53
N MET D 8 -8.84 -36.05 6.34
CA MET D 8 -9.41 -34.73 6.56
C MET D 8 -8.52 -33.84 7.38
N LEU D 9 -7.89 -34.40 8.40
CA LEU D 9 -7.02 -33.62 9.26
C LEU D 9 -5.87 -33.02 8.45
N ARG D 10 -5.39 -33.73 7.44
CA ARG D 10 -4.29 -33.21 6.64
C ARG D 10 -4.80 -32.29 5.53
N LYS D 11 -6.00 -32.59 5.01
CA LYS D 11 -6.56 -31.74 3.97
C LYS D 11 -6.81 -30.37 4.56
N ALA D 12 -7.27 -30.35 5.81
CA ALA D 12 -7.56 -29.12 6.54
C ALA D 12 -6.28 -28.31 6.79
N LYS D 13 -5.20 -29.01 7.14
CA LYS D 13 -3.91 -28.36 7.38
C LYS D 13 -3.43 -27.69 6.11
N SER D 14 -3.52 -28.44 5.00
CA SER D 14 -3.11 -27.97 3.69
C SER D 14 -3.96 -26.75 3.33
N VAL D 15 -5.25 -26.84 3.64
CA VAL D 15 -6.17 -25.75 3.36
C VAL D 15 -5.96 -24.52 4.23
N ASN D 16 -5.67 -24.73 5.51
CA ASN D 16 -5.44 -23.61 6.42
C ASN D 16 -4.19 -22.84 6.08
N LYS D 17 -3.21 -23.55 5.53
CA LYS D 17 -1.97 -22.93 5.13
C LYS D 17 -2.21 -22.03 3.90
N ALA D 18 -2.82 -22.59 2.86
CA ALA D 18 -3.10 -21.83 1.66
C ALA D 18 -3.91 -20.57 1.97
N LEU D 19 -4.87 -20.70 2.88
CA LEU D 19 -5.72 -19.56 3.27
C LEU D 19 -4.86 -18.53 3.95
N GLU D 20 -4.21 -18.93 5.03
CA GLU D 20 -3.36 -18.03 5.77
C GLU D 20 -2.46 -17.25 4.81
N ALA D 21 -1.99 -17.92 3.76
CA ALA D 21 -1.09 -17.29 2.80
C ALA D 21 -1.76 -16.38 1.79
N ALA D 22 -2.93 -16.78 1.30
CA ALA D 22 -3.64 -15.98 0.32
C ALA D 22 -4.11 -14.64 0.87
N VAL D 23 -4.35 -14.55 2.17
CA VAL D 23 -4.82 -13.30 2.77
C VAL D 23 -3.88 -12.78 3.86
N GLN D 24 -2.87 -12.01 3.42
CA GLN D 24 -1.85 -11.43 4.28
C GLN D 24 -2.24 -10.06 4.85
N MET D 25 -1.61 -9.67 5.95
CA MET D 25 -1.87 -8.36 6.51
C MET D 25 -1.21 -7.37 5.56
N LYS D 26 -1.89 -6.25 5.30
CA LYS D 26 -1.37 -5.21 4.43
C LYS D 26 -2.33 -4.03 4.48
N GLU D 27 -1.82 -2.85 4.16
CA GLU D 27 -2.64 -1.65 4.16
C GLU D 27 -3.82 -1.84 3.21
N PRO D 28 -5.05 -1.49 3.65
CA PRO D 28 -5.43 -0.96 4.97
C PRO D 28 -5.56 -2.10 5.97
N LEU D 29 -4.74 -2.01 7.02
CA LEU D 29 -4.65 -3.03 8.06
C LEU D 29 -5.95 -3.55 8.67
N LYS D 30 -6.73 -2.68 9.31
CA LYS D 30 -7.95 -3.12 9.96
C LYS D 30 -8.82 -3.99 9.06
N ILE D 31 -8.93 -3.62 7.79
CA ILE D 31 -9.76 -4.39 6.85
C ILE D 31 -9.21 -5.79 6.67
N HIS D 32 -7.90 -5.91 6.43
CA HIS D 32 -7.33 -7.24 6.25
C HIS D 32 -7.33 -8.03 7.55
N GLU D 33 -7.07 -7.34 8.67
CA GLU D 33 -7.07 -7.98 9.97
C GLU D 33 -8.47 -8.51 10.26
N SER D 34 -9.49 -7.86 9.74
CA SER D 34 -10.84 -8.36 9.94
C SER D 34 -11.02 -9.61 9.07
N MET D 35 -10.48 -9.58 7.86
CA MET D 35 -10.59 -10.71 6.96
C MET D 35 -9.99 -11.96 7.60
N ARG D 36 -8.74 -11.86 8.04
CA ARG D 36 -8.05 -13.00 8.66
C ARG D 36 -8.72 -13.48 9.95
N TYR D 37 -9.20 -12.52 10.74
CA TYR D 37 -9.86 -12.82 12.01
C TYR D 37 -10.96 -13.87 11.84
N SER D 38 -11.85 -13.67 10.88
CA SER D 38 -12.94 -14.63 10.64
C SER D 38 -12.52 -15.85 9.83
N LEU D 39 -11.73 -15.62 8.78
CA LEU D 39 -11.28 -16.67 7.87
C LEU D 39 -10.30 -17.71 8.43
N LEU D 40 -9.24 -17.26 9.09
CA LEU D 40 -8.25 -18.18 9.61
C LEU D 40 -8.54 -18.56 11.05
N ALA D 41 -9.70 -18.14 11.55
CA ALA D 41 -10.09 -18.45 12.93
C ALA D 41 -10.22 -19.95 13.05
N GLY D 42 -10.25 -20.63 11.92
CA GLY D 42 -10.34 -22.07 11.93
C GLY D 42 -11.76 -22.57 12.04
N GLY D 43 -12.15 -23.33 11.02
CA GLY D 43 -13.46 -23.93 10.97
C GLY D 43 -13.19 -25.41 10.75
N LYS D 44 -14.05 -26.08 10.01
CA LYS D 44 -13.89 -27.51 9.73
C LYS D 44 -13.36 -27.69 8.31
N ARG D 45 -13.51 -26.65 7.50
CA ARG D 45 -13.08 -26.62 6.10
C ARG D 45 -13.81 -27.65 5.27
N VAL D 46 -15.07 -27.89 5.60
CA VAL D 46 -15.86 -28.88 4.90
C VAL D 46 -15.95 -28.60 3.40
N ARG D 47 -16.28 -27.36 3.06
CA ARG D 47 -16.43 -26.98 1.65
C ARG D 47 -15.15 -27.04 0.83
N PRO D 48 -14.05 -26.49 1.36
CA PRO D 48 -12.82 -26.56 0.55
C PRO D 48 -12.37 -28.00 0.32
N MET D 49 -12.63 -28.87 1.28
CA MET D 49 -12.26 -30.27 1.14
C MET D 49 -13.10 -30.94 0.05
N LEU D 50 -14.37 -30.57 -0.02
CA LEU D 50 -15.24 -31.11 -1.04
C LEU D 50 -14.67 -30.77 -2.41
N CYS D 51 -14.23 -29.53 -2.60
CA CYS D 51 -13.68 -29.11 -3.87
C CYS D 51 -12.46 -29.97 -4.22
N ILE D 52 -11.52 -30.05 -3.29
CA ILE D 52 -10.29 -30.82 -3.47
C ILE D 52 -10.55 -32.30 -3.75
N ALA D 53 -11.55 -32.86 -3.07
CA ALA D 53 -11.87 -34.26 -3.24
C ALA D 53 -12.47 -34.50 -4.60
N ALA D 54 -13.39 -33.62 -5.00
CA ALA D 54 -14.06 -33.73 -6.30
C ALA D 54 -13.06 -33.60 -7.43
N CYS D 55 -12.05 -32.77 -7.23
CA CYS D 55 -11.01 -32.57 -8.24
C CYS D 55 -10.16 -33.84 -8.39
N GLU D 56 -9.57 -34.29 -7.29
CA GLU D 56 -8.72 -35.48 -7.33
C GLU D 56 -9.51 -36.67 -7.91
N LEU D 57 -10.77 -36.79 -7.49
CA LEU D 57 -11.66 -37.86 -7.95
C LEU D 57 -11.73 -38.04 -9.47
N VAL D 58 -11.82 -36.94 -10.22
CA VAL D 58 -11.91 -37.04 -11.67
C VAL D 58 -10.58 -37.04 -12.42
N GLY D 59 -9.46 -37.06 -11.71
CA GLY D 59 -8.18 -37.07 -12.39
C GLY D 59 -7.16 -36.01 -12.00
N GLY D 60 -7.62 -34.79 -11.69
CA GLY D 60 -6.71 -33.72 -11.34
C GLY D 60 -6.11 -33.77 -9.95
N ASP D 61 -5.28 -32.78 -9.63
CA ASP D 61 -4.64 -32.71 -8.33
C ASP D 61 -4.97 -31.45 -7.54
N GLU D 62 -4.80 -31.58 -6.23
CA GLU D 62 -5.04 -30.52 -5.27
C GLU D 62 -4.54 -29.15 -5.71
N SER D 63 -3.26 -29.08 -6.11
CA SER D 63 -2.67 -27.80 -6.52
C SER D 63 -3.57 -26.98 -7.42
N THR D 64 -4.18 -27.63 -8.40
CA THR D 64 -5.07 -26.98 -9.36
C THR D 64 -6.37 -26.48 -8.70
N ALA D 65 -6.84 -27.22 -7.70
CA ALA D 65 -8.08 -26.88 -7.01
C ALA D 65 -7.94 -26.02 -5.76
N MET D 66 -6.72 -25.87 -5.25
CA MET D 66 -6.54 -25.11 -4.03
C MET D 66 -7.09 -23.69 -4.05
N PRO D 67 -6.85 -22.94 -5.13
CA PRO D 67 -7.38 -21.56 -5.18
C PRO D 67 -8.91 -21.53 -5.04
N ALA D 68 -9.60 -22.26 -5.91
CA ALA D 68 -11.06 -22.34 -5.89
C ALA D 68 -11.49 -22.95 -4.57
N ALA D 69 -10.68 -23.87 -4.08
CA ALA D 69 -10.95 -24.52 -2.82
C ALA D 69 -11.01 -23.43 -1.77
N CYS D 70 -9.94 -22.64 -1.70
CA CYS D 70 -9.83 -21.54 -0.75
C CYS D 70 -10.91 -20.50 -1.01
N ALA D 71 -11.26 -20.28 -2.26
CA ALA D 71 -12.28 -19.29 -2.60
C ALA D 71 -13.63 -19.60 -1.96
N VAL D 72 -14.13 -20.82 -2.16
CA VAL D 72 -15.42 -21.17 -1.59
C VAL D 72 -15.46 -21.02 -0.07
N GLU D 73 -14.31 -21.20 0.58
CA GLU D 73 -14.25 -21.06 2.03
C GLU D 73 -14.24 -19.57 2.38
N MET D 74 -13.75 -18.76 1.45
CA MET D 74 -13.72 -17.32 1.64
C MET D 74 -15.14 -16.79 1.62
N ILE D 75 -15.87 -17.18 0.58
CA ILE D 75 -17.24 -16.75 0.44
C ILE D 75 -18.10 -17.35 1.55
N HIS D 76 -17.76 -18.54 1.99
CA HIS D 76 -18.52 -19.18 3.05
C HIS D 76 -18.33 -18.41 4.33
N THR D 77 -17.13 -17.89 4.49
CA THR D 77 -16.78 -17.11 5.66
C THR D 77 -17.51 -15.78 5.66
N MET D 78 -17.44 -15.06 4.54
CA MET D 78 -18.09 -13.76 4.47
C MET D 78 -19.59 -13.91 4.67
N SER D 79 -20.14 -15.04 4.29
CA SER D 79 -21.56 -15.25 4.47
C SER D 79 -21.89 -15.31 5.97
N LEU D 80 -21.02 -15.94 6.74
CA LEU D 80 -21.25 -16.05 8.19
C LEU D 80 -21.01 -14.71 8.87
N MET D 81 -20.05 -13.96 8.35
CA MET D 81 -19.73 -12.65 8.89
C MET D 81 -20.94 -11.75 8.72
N HIS D 82 -21.63 -11.88 7.59
CA HIS D 82 -22.80 -11.07 7.38
C HIS D 82 -24.03 -11.57 8.12
N ASP D 83 -24.17 -12.88 8.30
CA ASP D 83 -25.34 -13.41 9.01
C ASP D 83 -25.34 -12.99 10.48
N ASP D 84 -24.16 -12.77 11.04
CA ASP D 84 -24.05 -12.38 12.44
C ASP D 84 -24.35 -10.92 12.77
N LEU D 85 -24.26 -10.04 11.78
CA LEU D 85 -24.53 -8.62 11.97
C LEU D 85 -25.87 -8.33 12.62
N PRO D 86 -26.00 -7.16 13.30
CA PRO D 86 -27.21 -6.70 13.99
C PRO D 86 -28.45 -6.63 13.09
N CYS D 87 -28.28 -6.16 11.86
CA CYS D 87 -29.41 -6.07 10.94
C CYS D 87 -29.87 -7.48 10.54
N MET D 88 -29.06 -8.48 10.87
CA MET D 88 -29.37 -9.87 10.56
C MET D 88 -29.70 -10.70 11.82
N ASP D 89 -28.78 -11.55 12.24
CA ASP D 89 -29.00 -12.39 13.42
C ASP D 89 -28.59 -11.75 14.73
N ASN D 90 -27.63 -10.84 14.66
CA ASN D 90 -27.13 -10.16 15.86
C ASN D 90 -26.58 -11.19 16.84
N ASP D 91 -25.55 -11.93 16.42
CA ASP D 91 -24.91 -12.96 17.23
C ASP D 91 -23.61 -12.46 17.86
N ASP D 92 -23.16 -13.14 18.92
CA ASP D 92 -21.94 -12.75 19.61
C ASP D 92 -20.88 -13.85 19.66
N LEU D 93 -21.20 -15.00 19.08
CA LEU D 93 -20.24 -16.10 19.06
C LEU D 93 -20.19 -16.67 17.67
N ARG D 94 -18.97 -17.03 17.26
CA ARG D 94 -18.72 -17.62 15.94
C ARG D 94 -17.33 -18.22 15.96
N ARG D 95 -17.27 -19.54 15.83
CA ARG D 95 -16.00 -20.25 15.84
C ARG D 95 -15.30 -20.06 17.20
N GLY D 96 -16.13 -20.00 18.26
CA GLY D 96 -15.64 -19.85 19.62
C GLY D 96 -15.11 -18.48 20.01
N LYS D 97 -15.37 -17.47 19.19
CA LYS D 97 -14.87 -16.12 19.48
C LYS D 97 -15.92 -15.03 19.26
N PRO D 98 -15.65 -13.82 19.75
CA PRO D 98 -16.60 -12.73 19.57
C PRO D 98 -16.80 -12.50 18.08
N THR D 99 -18.04 -12.28 17.65
CA THR D 99 -18.34 -12.02 16.25
C THR D 99 -17.48 -10.88 15.66
N ASN D 100 -17.20 -10.97 14.36
CA ASN D 100 -16.36 -9.98 13.68
C ASN D 100 -16.78 -8.53 13.91
N HIS D 101 -18.06 -8.21 13.75
CA HIS D 101 -18.48 -6.84 13.98
C HIS D 101 -18.31 -6.44 15.44
N MET D 102 -18.44 -7.42 16.34
CA MET D 102 -18.27 -7.18 17.77
C MET D 102 -16.81 -6.83 18.01
N ALA D 103 -15.92 -7.46 17.24
CA ALA D 103 -14.49 -7.23 17.37
C ALA D 103 -13.95 -6.05 16.58
N PHE D 104 -14.62 -5.68 15.49
CA PHE D 104 -14.15 -4.57 14.66
C PHE D 104 -15.19 -3.51 14.32
N GLY D 105 -16.44 -3.74 14.70
CA GLY D 105 -17.47 -2.77 14.40
C GLY D 105 -18.25 -3.17 13.17
N GLU D 106 -19.54 -2.85 13.15
CA GLU D 106 -20.40 -3.19 12.04
C GLU D 106 -19.87 -2.75 10.69
N SER D 107 -19.22 -1.60 10.64
CA SER D 107 -18.70 -1.09 9.38
C SER D 107 -17.58 -1.98 8.81
N VAL D 108 -16.56 -2.23 9.62
CA VAL D 108 -15.44 -3.05 9.18
C VAL D 108 -15.91 -4.43 8.74
N ALA D 109 -16.74 -5.06 9.57
CA ALA D 109 -17.24 -6.39 9.27
C ALA D 109 -17.79 -6.49 7.84
N VAL D 110 -18.66 -5.56 7.46
CA VAL D 110 -19.27 -5.56 6.14
C VAL D 110 -18.21 -5.41 5.05
N LEU D 111 -17.41 -4.37 5.15
CA LEU D 111 -16.35 -4.10 4.19
C LEU D 111 -15.38 -5.26 4.10
N ALA D 112 -15.06 -5.87 5.22
CA ALA D 112 -14.13 -7.00 5.21
C ALA D 112 -14.85 -8.21 4.63
N GLY D 113 -16.17 -8.23 4.81
CA GLY D 113 -16.94 -9.33 4.26
C GLY D 113 -17.04 -9.20 2.76
N ASP D 114 -17.32 -7.97 2.29
CA ASP D 114 -17.42 -7.73 0.85
C ASP D 114 -16.08 -8.03 0.20
N ALA D 115 -14.99 -7.81 0.92
CA ALA D 115 -13.65 -8.05 0.38
C ALA D 115 -13.47 -9.52 0.10
N LEU D 116 -13.84 -10.36 1.06
CA LEU D 116 -13.71 -11.80 0.88
C LEU D 116 -14.54 -12.26 -0.31
N LEU D 117 -15.77 -11.78 -0.41
CA LEU D 117 -16.60 -12.19 -1.53
C LEU D 117 -15.88 -11.86 -2.82
N SER D 118 -15.46 -10.62 -2.96
CA SER D 118 -14.80 -10.20 -4.18
C SER D 118 -13.46 -10.86 -4.41
N PHE D 119 -12.65 -10.93 -3.37
CA PHE D 119 -11.34 -11.55 -3.49
C PHE D 119 -11.42 -13.02 -3.90
N ALA D 120 -12.52 -13.70 -3.60
CA ALA D 120 -12.63 -15.09 -3.97
C ALA D 120 -12.59 -15.26 -5.48
N PHE D 121 -13.12 -14.29 -6.20
CA PHE D 121 -13.13 -14.36 -7.65
C PHE D 121 -11.74 -14.04 -8.22
N GLU D 122 -11.08 -13.03 -7.65
CA GLU D 122 -9.76 -12.68 -8.13
C GLU D 122 -8.85 -13.90 -7.98
N HIS D 123 -8.76 -14.39 -6.75
CA HIS D 123 -7.90 -15.53 -6.45
C HIS D 123 -8.08 -16.73 -7.38
N VAL D 124 -9.32 -17.15 -7.62
CA VAL D 124 -9.57 -18.29 -8.48
C VAL D 124 -9.20 -17.98 -9.92
N ALA D 125 -9.47 -16.75 -10.34
CA ALA D 125 -9.20 -16.32 -11.69
C ALA D 125 -7.73 -16.15 -12.02
N ALA D 126 -6.98 -15.59 -11.08
CA ALA D 126 -5.56 -15.32 -11.26
C ALA D 126 -4.61 -16.34 -10.65
N ALA D 127 -5.04 -17.07 -9.62
CA ALA D 127 -4.16 -18.02 -8.99
C ALA D 127 -4.28 -19.46 -9.50
N THR D 128 -5.36 -19.77 -10.19
CA THR D 128 -5.53 -21.12 -10.68
C THR D 128 -4.55 -21.36 -11.83
N LYS D 129 -3.56 -22.22 -11.58
CA LYS D 129 -2.60 -22.57 -12.61
C LYS D 129 -2.86 -24.06 -12.93
N GLY D 130 -3.01 -24.38 -14.20
CA GLY D 130 -3.24 -25.77 -14.55
C GLY D 130 -4.64 -26.08 -15.00
N ALA D 131 -5.20 -25.16 -15.77
CA ALA D 131 -6.54 -25.32 -16.31
C ALA D 131 -6.67 -24.27 -17.38
N PRO D 132 -7.19 -24.67 -18.56
CA PRO D 132 -7.35 -23.70 -19.65
C PRO D 132 -8.26 -22.54 -19.25
N PRO D 133 -8.07 -21.37 -19.88
CA PRO D 133 -8.87 -20.18 -19.59
C PRO D 133 -10.38 -20.42 -19.56
N GLU D 134 -10.92 -20.96 -20.64
CA GLU D 134 -12.36 -21.23 -20.73
C GLU D 134 -12.88 -22.06 -19.55
N ARG D 135 -12.05 -22.96 -19.03
CA ARG D 135 -12.47 -23.78 -17.94
C ARG D 135 -12.51 -22.97 -16.66
N ILE D 136 -11.52 -22.12 -16.46
CA ILE D 136 -11.45 -21.28 -15.28
C ILE D 136 -12.66 -20.35 -15.26
N VAL D 137 -12.95 -19.77 -16.41
CA VAL D 137 -14.08 -18.87 -16.53
C VAL D 137 -15.34 -19.62 -16.16
N ARG D 138 -15.50 -20.79 -16.76
CA ARG D 138 -16.68 -21.62 -16.51
C ARG D 138 -16.91 -21.80 -15.02
N VAL D 139 -15.85 -22.08 -14.29
CA VAL D 139 -15.90 -22.28 -12.87
C VAL D 139 -16.36 -20.98 -12.21
N LEU D 140 -15.76 -19.87 -12.61
CA LEU D 140 -16.13 -18.59 -12.03
C LEU D 140 -17.65 -18.44 -12.16
N GLY D 141 -18.19 -18.87 -13.30
CA GLY D 141 -19.62 -18.77 -13.52
C GLY D 141 -20.43 -19.65 -12.58
N GLU D 142 -19.99 -20.87 -12.35
CA GLU D 142 -20.68 -21.80 -11.47
C GLU D 142 -20.71 -21.31 -10.03
N LEU D 143 -19.59 -20.75 -9.57
CA LEU D 143 -19.48 -20.23 -8.21
C LEU D 143 -20.39 -19.03 -8.05
N ALA D 144 -20.49 -18.23 -9.11
CA ALA D 144 -21.34 -17.06 -9.08
C ALA D 144 -22.78 -17.58 -8.97
N VAL D 145 -23.13 -18.50 -9.84
CA VAL D 145 -24.48 -19.05 -9.82
C VAL D 145 -24.84 -19.59 -8.44
N SER D 146 -23.95 -20.42 -7.88
CA SER D 146 -24.21 -21.02 -6.57
C SER D 146 -24.30 -20.09 -5.37
N ILE D 147 -23.78 -18.85 -5.45
CA ILE D 147 -23.87 -17.95 -4.31
C ILE D 147 -24.76 -16.71 -4.49
N GLY D 148 -25.44 -16.62 -5.63
CA GLY D 148 -26.27 -15.45 -5.91
C GLY D 148 -27.76 -15.44 -5.60
N SER D 149 -28.54 -14.88 -6.54
CA SER D 149 -29.99 -14.79 -6.39
C SER D 149 -30.70 -16.11 -6.67
N GLU D 150 -29.96 -17.06 -7.24
CA GLU D 150 -30.50 -18.38 -7.51
C GLU D 150 -29.70 -19.38 -6.66
N GLY D 151 -28.97 -18.85 -5.67
CA GLY D 151 -28.17 -19.67 -4.81
C GLY D 151 -28.24 -19.27 -3.37
N LEU D 152 -27.07 -19.14 -2.75
CA LEU D 152 -26.93 -18.78 -1.33
C LEU D 152 -27.66 -17.54 -0.89
N VAL D 153 -27.38 -16.40 -1.53
CA VAL D 153 -28.06 -15.18 -1.13
C VAL D 153 -29.58 -15.38 -1.18
N ALA D 154 -30.06 -16.05 -2.22
CA ALA D 154 -31.49 -16.30 -2.36
C ALA D 154 -32.07 -16.99 -1.13
N GLY D 155 -31.38 -18.00 -0.65
CA GLY D 155 -31.89 -18.71 0.51
C GLY D 155 -31.96 -17.82 1.71
N GLN D 156 -30.92 -17.02 1.89
CA GLN D 156 -30.82 -16.11 3.02
C GLN D 156 -31.90 -15.01 3.04
N VAL D 157 -32.23 -14.45 1.89
CA VAL D 157 -33.24 -13.41 1.85
C VAL D 157 -34.65 -13.97 2.00
N VAL D 158 -34.95 -15.05 1.28
CA VAL D 158 -36.28 -15.67 1.37
C VAL D 158 -36.47 -16.05 2.84
N ASP D 159 -35.36 -16.41 3.48
CA ASP D 159 -35.31 -16.82 4.88
C ASP D 159 -35.78 -15.69 5.80
N VAL D 160 -35.05 -14.58 5.81
CA VAL D 160 -35.39 -13.44 6.66
C VAL D 160 -36.73 -12.80 6.28
N CYS D 161 -37.07 -12.85 5.00
CA CYS D 161 -38.32 -12.28 4.48
C CYS D 161 -39.54 -13.10 4.80
N SER D 162 -39.34 -14.22 5.48
CA SER D 162 -40.46 -15.08 5.86
C SER D 162 -40.56 -15.15 7.37
N GLU D 163 -40.06 -14.13 8.04
CA GLU D 163 -40.10 -14.08 9.49
C GLU D 163 -41.52 -13.66 9.88
N GLY D 164 -42.40 -14.65 9.99
CA GLY D 164 -43.80 -14.41 10.34
C GLY D 164 -44.62 -15.55 9.78
N MET D 165 -44.55 -15.71 8.46
CA MET D 165 -45.24 -16.77 7.74
C MET D 165 -45.19 -18.08 8.54
N ALA D 166 -46.19 -18.29 9.39
CA ALA D 166 -46.27 -19.49 10.24
C ALA D 166 -46.94 -20.67 9.54
N GLU D 167 -46.85 -20.71 8.21
CA GLU D 167 -47.44 -21.79 7.42
C GLU D 167 -46.31 -22.71 6.94
N VAL D 168 -45.09 -22.21 7.05
CA VAL D 168 -43.86 -22.92 6.67
C VAL D 168 -44.03 -24.31 6.05
N GLY D 169 -44.36 -24.35 4.76
CA GLY D 169 -44.53 -25.63 4.09
C GLY D 169 -43.19 -26.30 3.86
N LEU D 170 -43.20 -27.59 3.55
CA LEU D 170 -41.95 -28.32 3.30
C LEU D 170 -41.31 -27.90 1.99
N ASP D 171 -42.00 -27.08 1.21
CA ASP D 171 -41.49 -26.59 -0.08
C ASP D 171 -40.74 -25.28 0.15
N HIS D 172 -41.21 -24.53 1.14
CA HIS D 172 -40.61 -23.27 1.52
C HIS D 172 -39.30 -23.64 2.21
N LEU D 173 -39.43 -24.52 3.19
CA LEU D 173 -38.28 -25.00 3.97
C LEU D 173 -37.29 -25.78 3.09
N GLU D 174 -37.78 -26.35 1.99
CA GLU D 174 -36.93 -27.11 1.09
C GLU D 174 -36.12 -26.09 0.30
N PHE D 175 -36.80 -25.04 -0.15
CA PHE D 175 -36.16 -23.98 -0.91
C PHE D 175 -35.08 -23.28 -0.09
N ILE D 176 -35.36 -23.02 1.17
CA ILE D 176 -34.39 -22.35 2.00
C ILE D 176 -33.10 -23.15 2.13
N HIS D 177 -33.19 -24.38 2.63
CA HIS D 177 -32.01 -25.25 2.81
C HIS D 177 -31.24 -25.50 1.50
N HIS D 178 -31.99 -25.68 0.42
CA HIS D 178 -31.40 -25.93 -0.89
C HIS D 178 -30.47 -24.79 -1.31
N HIS D 179 -30.87 -23.55 -1.02
CA HIS D 179 -30.07 -22.40 -1.37
C HIS D 179 -29.17 -21.88 -0.24
N LYS D 180 -29.74 -21.68 0.94
CA LYS D 180 -28.93 -21.19 2.05
C LYS D 180 -27.82 -22.17 2.46
N THR D 181 -27.98 -23.46 2.17
CA THR D 181 -26.96 -24.44 2.55
C THR D 181 -26.42 -25.31 1.42
N ALA D 182 -27.30 -25.94 0.68
CA ALA D 182 -26.91 -26.83 -0.41
C ALA D 182 -26.21 -26.12 -1.55
N ALA D 183 -26.69 -24.93 -1.89
CA ALA D 183 -26.14 -24.14 -2.98
C ALA D 183 -24.61 -24.07 -3.09
N LEU D 184 -23.96 -23.67 -2.00
CA LEU D 184 -22.51 -23.54 -1.98
C LEU D 184 -21.76 -24.88 -1.95
N LEU D 185 -22.34 -25.87 -1.27
CA LEU D 185 -21.72 -27.18 -1.20
C LEU D 185 -21.74 -27.75 -2.63
N GLN D 186 -22.81 -27.44 -3.36
CA GLN D 186 -22.93 -27.91 -4.72
C GLN D 186 -21.84 -27.23 -5.56
N GLY D 187 -21.72 -25.91 -5.43
CA GLY D 187 -20.70 -25.19 -6.17
C GLY D 187 -19.30 -25.71 -5.88
N SER D 188 -19.03 -26.01 -4.61
CA SER D 188 -17.72 -26.52 -4.18
C SER D 188 -17.34 -27.79 -4.93
N VAL D 189 -18.23 -28.77 -4.94
CA VAL D 189 -17.99 -30.03 -5.62
C VAL D 189 -17.82 -29.80 -7.12
N VAL D 190 -18.66 -28.93 -7.67
CA VAL D 190 -18.60 -28.64 -9.10
C VAL D 190 -17.32 -27.96 -9.53
N LEU D 191 -16.90 -26.93 -8.80
CA LEU D 191 -15.67 -26.25 -9.17
C LEU D 191 -14.57 -27.30 -9.25
N GLY D 192 -14.57 -28.20 -8.26
CA GLY D 192 -13.58 -29.26 -8.21
C GLY D 192 -13.67 -30.22 -9.38
N ALA D 193 -14.86 -30.74 -9.64
CA ALA D 193 -15.09 -31.69 -10.73
C ALA D 193 -14.59 -31.13 -12.07
N ILE D 194 -15.07 -29.94 -12.42
CA ILE D 194 -14.70 -29.28 -13.67
C ILE D 194 -13.18 -29.01 -13.80
N LEU D 195 -12.59 -28.39 -12.77
CA LEU D 195 -11.17 -28.06 -12.77
C LEU D 195 -10.25 -29.27 -12.95
N GLY D 196 -10.72 -30.44 -12.56
CA GLY D 196 -9.91 -31.64 -12.69
C GLY D 196 -10.00 -32.31 -14.04
N GLY D 197 -10.94 -31.85 -14.86
CA GLY D 197 -11.10 -32.43 -16.19
C GLY D 197 -12.29 -33.37 -16.30
N GLY D 198 -13.20 -33.28 -15.34
CA GLY D 198 -14.38 -34.12 -15.32
C GLY D 198 -15.37 -33.97 -16.46
N LYS D 199 -15.80 -35.12 -16.99
CA LYS D 199 -16.77 -35.19 -18.10
C LYS D 199 -18.12 -34.68 -17.61
N GLU D 200 -18.88 -34.08 -18.51
CA GLU D 200 -20.19 -33.52 -18.14
C GLU D 200 -20.99 -34.42 -17.21
N GLU D 201 -20.88 -35.73 -17.43
CA GLU D 201 -21.60 -36.73 -16.65
C GLU D 201 -21.08 -36.80 -15.22
N GLU D 202 -19.76 -36.71 -15.06
CA GLU D 202 -19.14 -36.76 -13.74
C GLU D 202 -19.50 -35.51 -12.96
N VAL D 203 -19.63 -34.38 -13.66
CA VAL D 203 -20.00 -33.12 -13.02
C VAL D 203 -21.47 -33.23 -12.63
N ALA D 204 -22.26 -33.82 -13.52
CA ALA D 204 -23.69 -33.98 -13.26
C ALA D 204 -23.85 -34.86 -12.03
N LYS D 205 -23.18 -36.01 -12.02
CA LYS D 205 -23.26 -36.94 -10.90
C LYS D 205 -22.79 -36.38 -9.57
N LEU D 206 -21.72 -35.58 -9.61
CA LEU D 206 -21.22 -34.99 -8.39
C LEU D 206 -22.11 -33.84 -7.93
N ARG D 207 -22.73 -33.17 -8.89
CA ARG D 207 -23.64 -32.07 -8.60
C ARG D 207 -24.82 -32.64 -7.79
N LYS D 208 -25.50 -33.62 -8.38
CA LYS D 208 -26.64 -34.27 -7.74
C LYS D 208 -26.25 -34.79 -6.35
N PHE D 209 -25.03 -35.32 -6.23
CA PHE D 209 -24.54 -35.84 -4.94
C PHE D 209 -24.37 -34.73 -3.92
N ALA D 210 -23.68 -33.69 -4.34
CA ALA D 210 -23.42 -32.54 -3.49
C ALA D 210 -24.77 -32.03 -3.02
N ASN D 211 -25.68 -31.92 -3.97
CA ASN D 211 -27.03 -31.48 -3.71
C ASN D 211 -27.62 -32.29 -2.54
N CYS D 212 -27.41 -33.61 -2.57
CA CYS D 212 -27.92 -34.48 -1.53
C CYS D 212 -27.38 -34.17 -0.16
N ILE D 213 -26.06 -34.22 -0.01
CA ILE D 213 -25.47 -33.92 1.29
C ILE D 213 -25.75 -32.46 1.62
N GLY D 214 -26.48 -31.80 0.73
CA GLY D 214 -26.84 -30.41 0.97
C GLY D 214 -28.00 -30.44 1.94
N LEU D 215 -29.17 -30.85 1.47
CA LEU D 215 -30.35 -30.92 2.33
C LEU D 215 -30.00 -31.71 3.59
N LEU D 216 -28.86 -32.39 3.57
CA LEU D 216 -28.41 -33.18 4.70
C LEU D 216 -27.63 -32.35 5.72
N PHE D 217 -26.58 -31.68 5.26
CA PHE D 217 -25.72 -30.82 6.09
C PHE D 217 -26.57 -29.87 6.96
N GLN D 218 -27.61 -29.32 6.35
CA GLN D 218 -28.53 -28.39 7.02
C GLN D 218 -29.52 -29.09 7.96
N VAL D 219 -29.99 -30.28 7.59
CA VAL D 219 -30.90 -31.00 8.46
C VAL D 219 -30.11 -31.24 9.73
N VAL D 220 -28.79 -31.36 9.57
CA VAL D 220 -27.89 -31.58 10.70
C VAL D 220 -27.70 -30.26 11.44
N ASP D 221 -27.45 -29.19 10.70
CA ASP D 221 -27.25 -27.87 11.29
C ASP D 221 -28.40 -27.69 12.28
N ASP D 222 -29.59 -28.10 11.87
CA ASP D 222 -30.78 -27.99 12.70
C ASP D 222 -30.76 -28.95 13.90
N ILE D 223 -30.41 -30.21 13.65
CA ILE D 223 -30.36 -31.18 14.74
C ILE D 223 -29.23 -30.90 15.74
N LEU D 224 -28.11 -30.34 15.26
CA LEU D 224 -26.99 -30.01 16.14
C LEU D 224 -27.28 -28.71 16.91
N ASP D 225 -28.06 -27.83 16.26
CA ASP D 225 -28.43 -26.56 16.86
C ASP D 225 -29.46 -26.81 17.95
N VAL D 226 -30.26 -27.85 17.75
CA VAL D 226 -31.30 -28.21 18.68
C VAL D 226 -30.95 -29.43 19.54
N THR D 227 -29.67 -29.63 19.83
CA THR D 227 -29.21 -30.74 20.67
C THR D 227 -27.93 -30.38 21.41
N LYS D 228 -26.96 -29.85 20.67
CA LYS D 228 -25.68 -29.47 21.25
C LYS D 228 -25.82 -28.23 22.13
N SER D 229 -24.69 -27.64 22.50
CA SER D 229 -24.71 -26.43 23.33
C SER D 229 -24.08 -25.29 22.54
N SER D 230 -24.42 -24.06 22.92
CA SER D 230 -23.90 -22.88 22.25
C SER D 230 -22.39 -22.78 22.41
N LYS D 231 -21.83 -23.58 23.30
CA LYS D 231 -20.38 -23.60 23.51
C LYS D 231 -19.68 -24.68 22.70
N GLU D 232 -20.37 -25.80 22.46
CA GLU D 232 -19.77 -26.88 21.67
C GLU D 232 -19.73 -26.51 20.20
N LEU D 233 -20.85 -25.97 19.71
CA LEU D 233 -20.95 -25.57 18.31
C LEU D 233 -19.92 -24.51 17.94
N GLY D 234 -19.78 -23.49 18.80
CA GLY D 234 -18.81 -22.43 18.55
C GLY D 234 -19.47 -21.15 18.10
N LYS D 235 -20.73 -21.24 17.72
CA LYS D 235 -21.50 -20.09 17.27
C LYS D 235 -22.53 -19.69 18.31
N THR D 247 -37.15 -24.73 10.49
CA THR D 247 -36.15 -25.84 10.37
C THR D 247 -36.85 -27.18 10.51
N TYR D 248 -36.34 -28.20 9.82
CA TYR D 248 -36.94 -29.54 9.89
C TYR D 248 -37.24 -30.00 11.31
N PRO D 249 -36.28 -29.84 12.23
CA PRO D 249 -36.51 -30.26 13.62
C PRO D 249 -37.56 -29.38 14.31
N LYS D 250 -38.65 -29.12 13.61
CA LYS D 250 -39.74 -28.30 14.12
C LYS D 250 -41.07 -28.82 13.58
N LEU D 251 -41.16 -28.94 12.25
CA LEU D 251 -42.37 -29.42 11.59
C LEU D 251 -42.56 -30.92 11.74
N ILE D 252 -41.46 -31.66 11.69
CA ILE D 252 -41.49 -33.11 11.80
C ILE D 252 -40.80 -33.64 13.05
N GLY D 253 -40.45 -32.75 13.97
CA GLY D 253 -39.80 -33.18 15.19
C GLY D 253 -38.33 -33.55 15.01
N VAL D 254 -37.62 -33.67 16.12
CA VAL D 254 -36.19 -34.01 16.11
C VAL D 254 -35.94 -35.48 15.79
N GLU D 255 -36.99 -36.30 15.88
CA GLU D 255 -36.90 -37.74 15.60
C GLU D 255 -37.16 -38.10 14.15
N LYS D 256 -38.21 -37.52 13.56
CA LYS D 256 -38.52 -37.78 12.17
C LYS D 256 -37.53 -37.08 11.25
N SER D 257 -36.62 -36.31 11.84
CA SER D 257 -35.57 -35.58 11.12
C SER D 257 -34.34 -36.45 10.92
N LYS D 258 -34.30 -37.57 11.62
CA LYS D 258 -33.19 -38.50 11.53
C LYS D 258 -33.60 -39.73 10.70
N GLU D 259 -34.87 -39.76 10.28
CA GLU D 259 -35.39 -40.85 9.47
C GLU D 259 -35.19 -40.41 8.02
N PHE D 260 -35.18 -39.08 7.84
CA PHE D 260 -35.01 -38.45 6.54
C PHE D 260 -33.52 -38.31 6.21
N ALA D 261 -32.79 -37.68 7.13
CA ALA D 261 -31.35 -37.46 6.95
C ALA D 261 -30.63 -38.70 6.45
N ASP D 262 -31.18 -39.88 6.71
CA ASP D 262 -30.58 -41.13 6.26
C ASP D 262 -30.83 -41.29 4.77
N ARG D 263 -32.10 -41.32 4.39
CA ARG D 263 -32.50 -41.46 2.99
C ARG D 263 -31.56 -40.69 2.08
N LEU D 264 -31.29 -39.44 2.45
CA LEU D 264 -30.42 -38.59 1.66
C LEU D 264 -29.00 -39.17 1.62
N ASN D 265 -28.45 -39.47 2.79
CA ASN D 265 -27.08 -40.01 2.86
C ASN D 265 -26.90 -41.17 1.90
N ARG D 266 -27.83 -42.11 1.90
CA ARG D 266 -27.73 -43.23 0.98
C ARG D 266 -27.92 -42.75 -0.44
N GLU D 267 -29.10 -42.20 -0.74
CA GLU D 267 -29.40 -41.69 -2.08
C GLU D 267 -28.21 -40.90 -2.61
N ALA D 268 -27.45 -40.29 -1.70
CA ALA D 268 -26.29 -39.50 -2.06
C ALA D 268 -25.12 -40.38 -2.49
N GLN D 269 -24.77 -41.34 -1.63
CA GLN D 269 -23.67 -42.26 -1.90
C GLN D 269 -23.97 -43.19 -3.06
N GLU D 270 -25.24 -43.23 -3.44
CA GLU D 270 -25.68 -44.07 -4.55
C GLU D 270 -25.23 -43.40 -5.84
N GLN D 271 -25.03 -42.09 -5.78
CA GLN D 271 -24.58 -41.32 -6.93
C GLN D 271 -23.11 -41.59 -7.17
N LEU D 272 -22.37 -41.84 -6.09
CA LEU D 272 -20.95 -42.11 -6.18
C LEU D 272 -20.65 -43.49 -6.80
N LEU D 273 -21.64 -44.37 -6.85
CA LEU D 273 -21.41 -45.68 -7.45
C LEU D 273 -20.96 -45.50 -8.90
N HIS D 274 -21.04 -44.27 -9.39
CA HIS D 274 -20.63 -44.03 -10.75
C HIS D 274 -19.13 -44.18 -10.85
N PHE D 275 -18.44 -43.91 -9.74
CA PHE D 275 -16.99 -44.00 -9.72
C PHE D 275 -16.51 -45.21 -8.94
N HIS D 276 -15.23 -45.55 -9.17
CA HIS D 276 -14.61 -46.67 -8.49
C HIS D 276 -14.61 -46.44 -6.99
N PRO D 277 -15.18 -47.39 -6.22
CA PRO D 277 -15.26 -47.27 -4.75
C PRO D 277 -13.99 -46.80 -4.03
N HIS D 278 -12.82 -47.15 -4.56
CA HIS D 278 -11.54 -46.77 -3.96
C HIS D 278 -11.33 -45.26 -4.03
N ARG D 279 -11.60 -44.70 -5.19
CA ARG D 279 -11.47 -43.25 -5.42
C ARG D 279 -12.53 -42.47 -4.64
N ALA D 280 -13.74 -43.00 -4.60
CA ALA D 280 -14.86 -42.38 -3.90
C ALA D 280 -14.72 -42.40 -2.37
N ALA D 281 -13.75 -43.17 -1.86
CA ALA D 281 -13.57 -43.28 -0.41
C ALA D 281 -13.59 -41.93 0.31
N PRO D 282 -12.88 -40.93 -0.24
CA PRO D 282 -12.94 -39.65 0.47
C PRO D 282 -14.35 -39.08 0.50
N LEU D 283 -15.01 -39.00 -0.66
CA LEU D 283 -16.37 -38.45 -0.71
C LEU D 283 -17.34 -39.33 0.06
N ILE D 284 -17.29 -40.64 -0.13
CA ILE D 284 -18.17 -41.53 0.59
C ILE D 284 -17.98 -41.17 2.07
N ALA D 285 -16.72 -41.05 2.46
CA ALA D 285 -16.35 -40.70 3.82
C ALA D 285 -16.83 -39.29 4.18
N LEU D 286 -16.24 -38.26 3.56
CA LEU D 286 -16.60 -36.86 3.81
C LEU D 286 -18.11 -36.67 3.88
N ALA D 287 -18.84 -37.59 3.27
CA ALA D 287 -20.30 -37.57 3.25
C ALA D 287 -20.86 -38.01 4.59
N ASN D 288 -20.16 -38.89 5.29
CA ASN D 288 -20.62 -39.38 6.58
C ASN D 288 -20.17 -38.51 7.74
N TYR D 289 -19.11 -37.73 7.55
CA TYR D 289 -18.64 -36.83 8.60
C TYR D 289 -19.63 -35.67 8.59
N ILE D 290 -20.33 -35.56 7.46
CA ILE D 290 -21.35 -34.54 7.26
C ILE D 290 -22.62 -35.02 7.97
N ALA D 291 -22.99 -36.28 7.73
CA ALA D 291 -24.16 -36.86 8.36
C ALA D 291 -23.86 -37.07 9.85
N TYR D 292 -22.60 -37.33 10.17
CA TYR D 292 -22.18 -37.58 11.56
C TYR D 292 -21.00 -36.70 12.01
N ARG D 293 -21.31 -35.62 12.73
CA ARG D 293 -20.28 -34.71 13.24
C ARG D 293 -20.82 -34.03 14.47
N ASP D 294 -19.94 -33.40 15.25
CA ASP D 294 -20.39 -32.73 16.47
C ASP D 294 -20.41 -31.20 16.45
N ASN D 295 -20.44 -30.63 15.24
CA ASN D 295 -20.50 -29.17 15.05
C ASN D 295 -20.14 -28.81 13.62
#